data_4OSG
#
_entry.id   4OSG
#
_cell.length_a   36.120
_cell.length_b   74.210
_cell.length_c   82.530
_cell.angle_alpha   67.94
_cell.angle_beta   77.70
_cell.angle_gamma   75.92
#
_symmetry.space_group_name_H-M   'P 1'
#
loop_
_entity.id
_entity.type
_entity.pdbx_description
1 polymer 'Dihydrofolate reductase'
2 non-polymer 'NADP NICOTINAMIDE-ADENINE-DINUCLEOTIDE PHOSPHATE'
3 non-polymer 6-ethyl-5-{(3R)-3-[3-methoxy-5-(pyridin-4-yl)phenyl]but-1-yn-1-yl}pyrimidine-2,4-diamine
4 non-polymer ETHANOL
5 non-polymer 'CACODYLATE ION'
6 non-polymer 'CHLORIDE ION'
7 non-polymer DI(HYDROXYETHYL)ETHER
8 non-polymer 'CALCIUM ION'
9 water water
#
_entity_poly.entity_id   1
_entity_poly.type   'polypeptide(L)'
_entity_poly.pdbx_seq_one_letter_code
;MISLIAALAVDRVIGMENAMPWNLPADLAWFKRNTLNKPVVMGRLTWESIGRPLPGRKNIVISSKPGSDDRVQWVSSVEE
AIAACGDVEEIMVIGGGRVYEQFLPKAQKLYLTHIDAEVEGDTHFPDYDPDEWESVFSEFHDADAQNSHSYCFEILERRH
HHHHH
;
_entity_poly.pdbx_strand_id   A,B,C,D
#
loop_
_chem_comp.id
_chem_comp.type
_chem_comp.name
_chem_comp.formula
06U non-polymer 6-ethyl-5-{(3R)-3-[3-methoxy-5-(pyridin-4-yl)phenyl]but-1-yn-1-yl}pyrimidine-2,4-diamine 'C22 H23 N5 O'
CA non-polymer 'CALCIUM ION' 'Ca 2'
CAC non-polymer 'CACODYLATE ION' 'C2 H6 As O2 -1'
CL non-polymer 'CHLORIDE ION' 'Cl -1'
EOH non-polymer ETHANOL 'C2 H6 O'
NAP non-polymer 'NADP NICOTINAMIDE-ADENINE-DINUCLEOTIDE PHOSPHATE' 'C21 H28 N7 O17 P3'
PEG non-polymer DI(HYDROXYETHYL)ETHER 'C4 H10 O3'
#
# COMPACT_ATOMS: atom_id res chain seq x y z
N MET A 1 -13.82 23.03 -23.06
CA MET A 1 -13.06 23.72 -22.03
C MET A 1 -11.56 23.60 -22.31
N ILE A 2 -10.79 24.63 -21.98
CA ILE A 2 -9.35 24.62 -22.22
C ILE A 2 -8.56 24.41 -20.93
N SER A 3 -7.57 23.52 -20.99
CA SER A 3 -6.70 23.25 -19.86
C SER A 3 -5.24 23.17 -20.29
N LEU A 4 -4.34 23.51 -19.39
CA LEU A 4 -2.91 23.39 -19.63
C LEU A 4 -2.34 22.33 -18.69
N ILE A 5 -1.42 21.52 -19.20
CA ILE A 5 -0.77 20.54 -18.34
C ILE A 5 0.74 20.67 -18.49
N ALA A 6 1.44 20.78 -17.37
CA ALA A 6 2.87 21.02 -17.40
C ALA A 6 3.60 20.55 -16.15
N ALA A 7 4.89 20.27 -16.32
CA ALA A 7 5.76 19.93 -15.21
C ALA A 7 6.67 21.11 -14.94
N LEU A 8 6.66 21.56 -13.70
CA LEU A 8 7.35 22.78 -13.32
C LEU A 8 8.47 22.48 -12.34
N ALA A 9 9.69 22.89 -12.68
CA ALA A 9 10.78 22.78 -11.73
C ALA A 9 10.70 23.95 -10.78
N VAL A 10 11.74 24.13 -9.96
CA VAL A 10 11.80 25.29 -9.08
C VAL A 10 11.92 26.51 -9.99
N ASP A 11 11.30 27.62 -9.57
CA ASP A 11 11.22 28.91 -10.29
C ASP A 11 10.76 28.75 -11.75
N ARG A 12 9.81 27.82 -11.95
CA ARG A 12 9.03 27.69 -13.18
C ARG A 12 9.79 27.36 -14.45
N VAL A 13 10.84 26.55 -14.34
CA VAL A 13 11.63 26.16 -15.49
C VAL A 13 11.00 24.95 -16.16
N ILE A 14 10.72 25.04 -17.46
CA ILE A 14 10.07 23.94 -18.16
C ILE A 14 10.93 23.27 -19.24
N GLY A 15 12.01 23.91 -19.67
CA GLY A 15 12.84 23.30 -20.70
C GLY A 15 14.22 23.89 -20.94
N MET A 16 15.13 23.04 -21.39
CA MET A 16 16.50 23.44 -21.69
C MET A 16 17.08 22.76 -22.92
N GLU A 17 17.44 23.57 -23.92
CA GLU A 17 18.08 23.08 -25.14
C GLU A 17 17.19 22.03 -25.79
N ASN A 18 15.99 22.47 -26.18
CA ASN A 18 14.88 21.68 -26.76
C ASN A 18 14.72 20.27 -26.15
N ALA A 19 14.49 20.26 -24.84
CA ALA A 19 14.30 19.04 -24.07
C ALA A 19 13.78 19.39 -22.69
N MET A 20 13.63 18.38 -21.84
CA MET A 20 13.23 18.58 -20.45
C MET A 20 14.35 18.09 -19.53
N PRO A 21 14.91 18.99 -18.72
CA PRO A 21 16.06 18.68 -17.86
C PRO A 21 15.73 17.79 -16.66
N TRP A 22 15.03 16.69 -16.92
CA TRP A 22 14.76 15.66 -15.93
C TRP A 22 14.13 14.46 -16.61
N ASN A 23 13.94 13.38 -15.86
CA ASN A 23 13.16 12.25 -16.32
C ASN A 23 12.31 11.73 -15.17
N LEU A 24 11.00 11.96 -15.24
CA LEU A 24 10.11 11.42 -14.23
C LEU A 24 9.02 10.57 -14.87
N PRO A 25 9.03 9.27 -14.56
CA PRO A 25 7.99 8.35 -15.03
C PRO A 25 6.64 8.56 -14.34
N ALA A 26 6.64 8.96 -13.07
CA ALA A 26 5.38 9.18 -12.37
C ALA A 26 4.58 10.31 -13.02
N ASP A 27 5.26 11.40 -13.32
CA ASP A 27 4.63 12.52 -14.00
C ASP A 27 4.24 12.16 -15.42
N LEU A 28 5.00 11.25 -16.03
CA LEU A 28 4.65 10.73 -17.34
C LEU A 28 3.32 10.01 -17.27
N ALA A 29 3.15 9.20 -16.23
CA ALA A 29 1.90 8.47 -16.01
C ALA A 29 0.76 9.45 -15.79
N TRP A 30 0.99 10.49 -15.00
CA TRP A 30 -0.04 11.49 -14.70
C TRP A 30 -0.46 12.23 -15.97
N PHE A 31 0.53 12.60 -16.77
CA PHE A 31 0.31 13.20 -18.07
C PHE A 31 -0.56 12.32 -18.94
N LYS A 32 -0.17 11.05 -19.08
CA LYS A 32 -0.92 10.11 -19.91
C LYS A 32 -2.34 9.88 -19.42
N ARG A 33 -2.53 9.88 -18.11
CA ARG A 33 -3.85 9.68 -17.52
C ARG A 33 -4.77 10.84 -17.86
N ASN A 34 -4.27 12.07 -17.69
CA ASN A 34 -5.12 13.24 -17.88
C ASN A 34 -5.21 13.72 -19.33
N THR A 35 -4.37 13.19 -20.21
CA THR A 35 -4.42 13.57 -21.62
C THR A 35 -5.10 12.52 -22.49
N LEU A 36 -5.52 11.42 -21.86
CA LEU A 36 -6.13 10.29 -22.56
C LEU A 36 -7.53 10.65 -23.05
N ASN A 37 -7.81 10.32 -24.32
CA ASN A 37 -9.10 10.60 -24.96
C ASN A 37 -9.38 12.08 -25.12
N LYS A 38 -8.37 12.90 -24.87
CA LYS A 38 -8.49 14.35 -25.07
C LYS A 38 -7.58 14.77 -26.23
N PRO A 39 -7.97 15.84 -26.93
CA PRO A 39 -7.11 16.37 -27.99
C PRO A 39 -5.96 17.18 -27.42
N VAL A 40 -4.79 17.14 -28.06
CA VAL A 40 -3.64 17.87 -27.55
C VAL A 40 -3.18 18.91 -28.55
N VAL A 41 -2.64 20.01 -28.03
CA VAL A 41 -2.14 21.10 -28.85
C VAL A 41 -0.75 21.52 -28.40
N MET A 42 0.15 21.77 -29.35
CA MET A 42 1.54 22.07 -28.99
C MET A 42 2.14 23.03 -30.04
N GLY A 43 3.30 23.62 -29.75
CA GLY A 43 3.97 24.50 -30.71
C GLY A 43 4.93 23.69 -31.58
N ARG A 44 5.62 24.34 -32.50
CA ARG A 44 6.51 23.64 -33.42
C ARG A 44 7.66 22.86 -32.79
N LEU A 45 8.52 23.56 -32.05
CA LEU A 45 9.72 22.94 -31.49
C LEU A 45 9.42 21.79 -30.54
N THR A 46 8.26 21.84 -29.88
CA THR A 46 7.83 20.76 -29.01
C THR A 46 7.46 19.52 -29.83
N TRP A 47 6.67 19.73 -30.87
CA TRP A 47 6.31 18.68 -31.81
C TRP A 47 7.55 18.02 -32.39
N GLU A 48 8.52 18.87 -32.74
CA GLU A 48 9.78 18.44 -33.29
C GLU A 48 10.63 17.76 -32.20
N SER A 49 10.33 18.08 -30.95
CA SER A 49 11.03 17.50 -29.81
C SER A 49 10.53 16.09 -29.61
N ILE A 50 9.34 15.83 -30.14
CA ILE A 50 8.75 14.50 -30.06
C ILE A 50 8.84 13.77 -31.40
N GLY A 51 8.23 14.34 -32.43
CA GLY A 51 8.34 13.82 -33.79
C GLY A 51 7.36 12.71 -34.10
N ARG A 52 6.61 12.27 -33.08
CA ARG A 52 5.62 11.23 -33.27
C ARG A 52 4.35 11.57 -32.48
N PRO A 53 3.19 11.45 -33.13
CA PRO A 53 1.90 11.84 -32.55
C PRO A 53 1.55 11.02 -31.31
N LEU A 54 0.58 11.52 -30.48
CA LEU A 54 0.08 10.72 -29.38
C LEU A 54 -1.03 9.80 -29.88
N PRO A 55 -0.89 8.51 -29.55
CA PRO A 55 -1.81 7.46 -30.00
C PRO A 55 -3.27 7.77 -29.70
N GLY A 56 -4.12 7.61 -30.71
CA GLY A 56 -5.57 7.73 -30.55
C GLY A 56 -6.09 9.07 -30.11
N ARG A 57 -5.29 10.11 -30.32
CA ARG A 57 -5.67 11.45 -29.91
C ARG A 57 -5.64 12.35 -31.14
N LYS A 58 -6.42 13.40 -31.14
CA LYS A 58 -6.34 14.38 -32.20
C LYS A 58 -5.19 15.34 -31.89
N ASN A 59 -4.17 15.32 -32.71
CA ASN A 59 -2.99 16.13 -32.45
C ASN A 59 -3.06 17.41 -33.25
N ILE A 60 -2.89 18.54 -32.56
CA ILE A 60 -2.95 19.84 -33.21
C ILE A 60 -1.67 20.58 -32.87
N VAL A 61 -1.04 21.12 -33.90
CA VAL A 61 0.15 21.95 -33.63
C VAL A 61 -0.02 23.35 -34.27
N ILE A 62 0.60 24.37 -33.69
CA ILE A 62 0.45 25.75 -34.16
C ILE A 62 1.74 26.27 -34.82
N SER A 63 1.62 26.88 -36.01
CA SER A 63 2.80 27.41 -36.70
C SER A 63 2.52 28.43 -37.80
N SER A 64 3.60 28.85 -38.47
CA SER A 64 3.52 29.80 -39.59
C SER A 64 4.13 29.24 -40.88
N LYS A 65 4.35 27.93 -40.89
CA LYS A 65 5.00 27.27 -42.03
C LYS A 65 3.98 26.28 -42.60
N PRO A 66 4.17 25.83 -43.85
CA PRO A 66 3.26 24.77 -44.33
C PRO A 66 3.39 23.49 -43.53
N GLY A 67 2.35 22.66 -43.53
CA GLY A 67 2.44 21.42 -42.79
C GLY A 67 3.54 20.61 -43.44
N SER A 68 4.58 20.33 -42.65
CA SER A 68 5.68 19.49 -43.09
C SER A 68 5.28 18.06 -42.78
N ASP A 69 4.05 17.93 -42.28
CA ASP A 69 3.53 16.68 -41.78
C ASP A 69 2.03 16.53 -41.99
N ASP A 70 1.62 15.32 -42.37
CA ASP A 70 0.22 15.02 -42.70
C ASP A 70 -0.52 14.25 -41.58
N ARG A 71 0.23 13.77 -40.59
CA ARG A 71 -0.36 12.95 -39.53
C ARG A 71 -0.89 13.82 -38.38
N VAL A 72 -0.73 15.12 -38.53
CA VAL A 72 -1.15 16.07 -37.50
C VAL A 72 -1.82 17.27 -38.17
N GLN A 73 -2.76 17.90 -37.48
CA GLN A 73 -3.45 19.06 -38.04
C GLN A 73 -2.69 20.33 -37.67
N TRP A 74 -2.43 21.16 -38.68
CA TRP A 74 -1.70 22.39 -38.48
C TRP A 74 -2.62 23.57 -38.44
N VAL A 75 -2.33 24.48 -37.52
CA VAL A 75 -3.18 25.62 -37.26
C VAL A 75 -2.27 26.87 -37.14
N SER A 76 -2.80 28.08 -37.28
CA SER A 76 -1.95 29.27 -37.28
C SER A 76 -2.24 30.33 -36.20
N SER A 77 -3.14 30.02 -35.27
CA SER A 77 -3.54 30.94 -34.20
C SER A 77 -4.32 30.20 -33.12
N VAL A 78 -4.96 30.95 -32.20
CA VAL A 78 -5.70 30.34 -31.09
C VAL A 78 -7.19 29.97 -31.34
N GLU A 79 -8.02 30.92 -31.73
CA GLU A 79 -9.47 30.65 -31.84
C GLU A 79 -9.93 29.64 -32.90
N GLU A 80 -9.21 29.55 -34.02
CA GLU A 80 -9.51 28.54 -35.04
C GLU A 80 -8.86 27.21 -34.65
N ALA A 81 -7.97 27.24 -33.65
CA ALA A 81 -7.36 26.02 -33.14
C ALA A 81 -8.39 25.35 -32.24
N ILE A 82 -9.17 26.16 -31.54
CA ILE A 82 -10.28 25.63 -30.74
C ILE A 82 -11.34 25.06 -31.69
N ALA A 83 -11.62 25.81 -32.76
CA ALA A 83 -12.55 25.36 -33.77
C ALA A 83 -11.98 24.15 -34.51
N ALA A 84 -10.69 23.92 -34.33
CA ALA A 84 -10.02 22.77 -34.95
C ALA A 84 -10.18 21.55 -34.05
N CYS A 85 -10.78 21.75 -32.88
CA CYS A 85 -11.08 20.67 -31.95
C CYS A 85 -12.50 20.17 -32.18
N GLY A 86 -13.42 21.09 -32.41
CA GLY A 86 -14.82 20.75 -32.61
C GLY A 86 -15.63 20.82 -31.33
N ASP A 87 -16.63 19.96 -31.20
CA ASP A 87 -17.49 19.96 -30.02
C ASP A 87 -16.94 18.99 -28.97
N VAL A 88 -15.92 19.44 -28.25
CA VAL A 88 -15.28 18.63 -27.22
C VAL A 88 -15.57 19.25 -25.85
N GLU A 89 -15.54 18.44 -24.79
CA GLU A 89 -15.74 18.92 -23.43
C GLU A 89 -14.48 19.52 -22.82
N GLU A 90 -13.33 18.99 -23.22
CA GLU A 90 -12.04 19.42 -22.66
C GLU A 90 -10.92 19.37 -23.68
N ILE A 91 -10.11 20.43 -23.71
CA ILE A 91 -8.99 20.54 -24.64
C ILE A 91 -7.68 20.62 -23.90
N MET A 92 -6.69 19.87 -24.36
CA MET A 92 -5.41 19.84 -23.66
C MET A 92 -4.30 20.58 -24.39
N VAL A 93 -3.63 21.45 -23.64
CA VAL A 93 -2.46 22.16 -24.10
C VAL A 93 -1.25 21.63 -23.36
N ILE A 94 -0.27 21.13 -24.10
CA ILE A 94 0.85 20.44 -23.46
C ILE A 94 2.15 21.22 -23.56
N GLY A 95 2.14 22.33 -24.28
CA GLY A 95 3.29 23.21 -24.34
C GLY A 95 3.46 23.91 -25.67
N GLY A 96 4.43 24.80 -25.77
CA GLY A 96 5.26 25.19 -24.64
C GLY A 96 4.92 26.56 -24.07
N GLY A 97 5.97 27.35 -23.82
CA GLY A 97 5.87 28.63 -23.14
C GLY A 97 4.98 29.68 -23.76
N ARG A 98 5.15 29.96 -25.06
CA ARG A 98 4.33 30.99 -25.70
C ARG A 98 2.88 30.52 -25.86
N VAL A 99 2.69 29.24 -26.17
CA VAL A 99 1.36 28.64 -26.23
C VAL A 99 0.70 28.68 -24.86
N TYR A 100 1.47 28.33 -23.83
CA TYR A 100 1.00 28.42 -22.45
C TYR A 100 0.54 29.84 -22.13
N GLU A 101 1.34 30.82 -22.55
CA GLU A 101 1.04 32.23 -22.29
C GLU A 101 -0.24 32.69 -22.97
N GLN A 102 -0.40 32.33 -24.24
CA GLN A 102 -1.57 32.74 -25.01
C GLN A 102 -2.85 32.06 -24.55
N PHE A 103 -2.72 30.81 -24.11
CA PHE A 103 -3.89 30.03 -23.73
C PHE A 103 -4.23 30.15 -22.25
N LEU A 104 -3.30 30.70 -21.48
CA LEU A 104 -3.52 30.85 -20.05
C LEU A 104 -4.74 31.75 -19.77
N PRO A 105 -4.89 32.86 -20.51
CA PRO A 105 -6.13 33.63 -20.31
C PRO A 105 -7.35 32.81 -20.74
N LYS A 106 -7.16 31.94 -21.72
CA LYS A 106 -8.25 31.14 -22.25
C LYS A 106 -8.53 29.95 -21.33
N ALA A 107 -7.47 29.39 -20.74
CA ALA A 107 -7.57 28.18 -19.91
C ALA A 107 -8.51 28.39 -18.72
N GLN A 108 -9.27 27.37 -18.38
CA GLN A 108 -10.13 27.42 -17.19
C GLN A 108 -9.68 26.44 -16.12
N LYS A 109 -8.63 25.69 -16.42
CA LYS A 109 -8.12 24.71 -15.46
C LYS A 109 -6.64 24.45 -15.70
N LEU A 110 -5.89 24.16 -14.63
CA LEU A 110 -4.47 23.91 -14.75
C LEU A 110 -4.08 22.57 -14.15
N TYR A 111 -3.47 21.72 -14.95
CA TYR A 111 -2.89 20.48 -14.46
C TYR A 111 -1.38 20.68 -14.31
N LEU A 112 -0.94 20.80 -13.07
CA LEU A 112 0.44 21.17 -12.80
C LEU A 112 1.16 20.09 -12.04
N THR A 113 2.38 19.80 -12.48
CA THR A 113 3.26 18.93 -11.74
C THR A 113 4.37 19.76 -11.17
N HIS A 114 4.42 19.86 -9.85
CA HIS A 114 5.47 20.63 -9.20
C HIS A 114 6.66 19.75 -8.88
N ILE A 115 7.75 19.92 -9.64
CA ILE A 115 8.97 19.16 -9.45
C ILE A 115 9.89 19.89 -8.49
N ASP A 116 10.31 19.21 -7.42
CA ASP A 116 11.23 19.83 -6.46
C ASP A 116 12.67 19.64 -6.89
N ALA A 117 13.11 20.49 -7.80
CA ALA A 117 14.49 20.51 -8.26
C ALA A 117 14.79 21.87 -8.87
N GLU A 118 15.97 22.38 -8.59
CA GLU A 118 16.38 23.62 -9.22
C GLU A 118 17.39 23.24 -10.29
N VAL A 119 17.08 23.58 -11.52
CA VAL A 119 17.86 23.09 -12.64
C VAL A 119 17.92 24.20 -13.68
N GLU A 120 18.64 23.99 -14.78
CA GLU A 120 18.85 25.07 -15.74
C GLU A 120 17.86 25.02 -16.90
N GLY A 121 17.36 26.18 -17.29
CA GLY A 121 16.41 26.25 -18.39
C GLY A 121 16.30 27.58 -19.08
N ASP A 122 15.87 27.54 -20.34
CA ASP A 122 15.70 28.76 -21.12
C ASP A 122 14.22 29.13 -21.24
N THR A 123 13.35 28.19 -20.89
CA THR A 123 11.92 28.40 -21.06
C THR A 123 11.18 28.25 -19.74
N HIS A 124 10.23 29.15 -19.52
CA HIS A 124 9.48 29.19 -18.28
C HIS A 124 7.98 29.13 -18.55
N PHE A 125 7.23 28.74 -17.53
CA PHE A 125 5.77 28.71 -17.58
C PHE A 125 5.31 30.10 -17.22
N PRO A 126 4.33 30.65 -17.97
CA PRO A 126 3.85 32.01 -17.76
C PRO A 126 3.48 32.25 -16.32
N ASP A 127 3.81 33.43 -15.80
CA ASP A 127 3.47 33.71 -14.42
C ASP A 127 1.97 33.90 -14.37
N TYR A 128 1.35 33.12 -13.50
CA TYR A 128 -0.08 33.22 -13.32
C TYR A 128 -0.25 33.84 -11.95
N ASP A 129 -1.35 34.56 -11.78
CA ASP A 129 -1.62 35.25 -10.55
C ASP A 129 -2.37 34.31 -9.62
N PRO A 130 -1.74 33.94 -8.50
CA PRO A 130 -2.35 33.02 -7.53
C PRO A 130 -3.67 33.56 -7.00
N ASP A 131 -3.97 34.83 -7.31
CA ASP A 131 -5.24 35.45 -6.96
C ASP A 131 -6.32 34.82 -7.85
N GLU A 132 -5.90 34.40 -9.03
CA GLU A 132 -6.80 33.94 -10.08
C GLU A 132 -7.14 32.44 -10.09
N TRP A 133 -6.39 31.64 -9.32
CA TRP A 133 -6.63 30.20 -9.33
C TRP A 133 -6.78 29.66 -7.91
N GLU A 134 -7.48 28.55 -7.76
CA GLU A 134 -7.54 27.87 -6.47
C GLU A 134 -7.29 26.37 -6.66
N SER A 135 -6.66 25.76 -5.66
CA SER A 135 -6.29 24.34 -5.71
C SER A 135 -7.40 23.41 -5.22
N VAL A 136 -7.88 22.57 -6.12
CA VAL A 136 -8.94 21.62 -5.82
C VAL A 136 -8.37 20.23 -5.53
N PHE A 137 -7.12 20.02 -5.94
CA PHE A 137 -6.46 18.73 -5.76
C PHE A 137 -4.96 18.89 -5.54
N SER A 138 -4.46 18.21 -4.51
CA SER A 138 -3.04 18.25 -4.18
C SER A 138 -2.60 16.86 -3.77
N GLU A 139 -1.63 16.32 -4.49
CA GLU A 139 -1.11 15.00 -4.17
C GLU A 139 0.40 15.10 -4.15
N PHE A 140 0.99 14.85 -2.98
CA PHE A 140 2.44 14.98 -2.85
C PHE A 140 3.11 13.63 -2.85
N HIS A 141 4.25 13.55 -3.52
CA HIS A 141 5.03 12.33 -3.57
C HIS A 141 6.51 12.63 -3.38
N ASP A 142 7.15 11.94 -2.44
CA ASP A 142 8.58 12.07 -2.24
C ASP A 142 9.29 11.39 -3.41
N ALA A 143 10.59 11.63 -3.53
CA ALA A 143 11.36 10.98 -4.57
C ALA A 143 11.57 9.53 -4.18
N ASP A 144 11.81 8.68 -5.17
CA ASP A 144 12.04 7.27 -4.90
C ASP A 144 12.99 6.70 -5.93
N ALA A 145 12.90 5.40 -6.09
CA ALA A 145 13.75 4.67 -7.00
C ALA A 145 13.64 5.18 -8.43
N GLN A 146 12.40 5.28 -8.91
CA GLN A 146 12.11 5.65 -10.28
C GLN A 146 12.05 7.18 -10.46
N ASN A 147 11.72 7.87 -9.38
CA ASN A 147 11.59 9.32 -9.40
C ASN A 147 12.76 10.01 -8.72
N SER A 148 13.58 10.69 -9.52
CA SER A 148 14.80 11.32 -9.03
C SER A 148 14.51 12.39 -7.97
N HIS A 149 13.54 13.25 -8.24
CA HIS A 149 13.16 14.28 -7.28
C HIS A 149 11.72 14.10 -6.86
N SER A 150 11.38 14.65 -5.71
CA SER A 150 10.03 14.62 -5.20
C SER A 150 9.17 15.47 -6.11
N TYR A 151 7.86 15.42 -5.90
CA TYR A 151 6.93 16.14 -6.76
C TYR A 151 5.54 16.20 -6.16
N CYS A 152 4.73 17.14 -6.64
CA CYS A 152 3.35 17.29 -6.15
C CYS A 152 2.41 17.56 -7.32
N PHE A 153 1.40 16.69 -7.46
CA PHE A 153 0.39 16.86 -8.52
C PHE A 153 -0.71 17.77 -8.05
N GLU A 154 -1.10 18.71 -8.90
CA GLU A 154 -2.07 19.71 -8.49
C GLU A 154 -3.02 20.12 -9.62
N ILE A 155 -4.29 20.27 -9.26
CA ILE A 155 -5.30 20.75 -10.21
C ILE A 155 -5.86 22.08 -9.73
N LEU A 156 -5.82 23.05 -10.62
CA LEU A 156 -6.23 24.41 -10.33
C LEU A 156 -7.45 24.80 -11.14
N GLU A 157 -8.26 25.67 -10.57
CA GLU A 157 -9.43 26.18 -11.29
C GLU A 157 -9.58 27.69 -11.12
N ARG A 158 -10.10 28.31 -12.18
CA ARG A 158 -10.28 29.75 -12.24
C ARG A 158 -11.37 30.29 -11.32
N ARG A 159 -11.20 31.54 -10.94
CA ARG A 159 -12.22 32.26 -10.17
C ARG A 159 -12.33 33.69 -10.68
N MET B 1 -14.07 24.01 6.97
CA MET B 1 -14.88 23.31 5.98
C MET B 1 -15.16 21.89 6.43
N ILE B 2 -16.36 21.39 6.12
CA ILE B 2 -16.75 20.04 6.48
C ILE B 2 -16.73 19.16 5.24
N SER B 3 -16.19 17.95 5.39
CA SER B 3 -16.11 17.02 4.28
C SER B 3 -16.61 15.65 4.70
N LEU B 4 -17.15 14.91 3.74
CA LEU B 4 -17.59 13.55 3.97
C LEU B 4 -16.73 12.61 3.15
N ILE B 5 -16.34 11.48 3.74
CA ILE B 5 -15.60 10.48 2.97
C ILE B 5 -16.26 9.12 3.15
N ALA B 6 -16.56 8.46 2.03
CA ALA B 6 -17.32 7.21 2.07
C ALA B 6 -17.05 6.33 0.86
N ALA B 7 -17.25 5.02 1.06
CA ALA B 7 -17.16 4.03 -0.01
C ALA B 7 -18.55 3.56 -0.39
N LEU B 8 -18.88 3.68 -1.67
CA LEU B 8 -20.23 3.41 -2.13
C LEU B 8 -20.28 2.26 -3.11
N ALA B 9 -21.06 1.23 -2.77
CA ALA B 9 -21.29 0.14 -3.71
C ALA B 9 -22.40 0.56 -4.68
N VAL B 10 -22.88 -0.38 -5.48
CA VAL B 10 -24.00 -0.11 -6.36
C VAL B 10 -25.25 0.14 -5.51
N ASP B 11 -26.09 1.08 -5.95
CA ASP B 11 -27.28 1.51 -5.21
C ASP B 11 -26.88 2.02 -3.83
N ARG B 12 -25.70 2.62 -3.76
CA ARG B 12 -25.27 3.38 -2.61
C ARG B 12 -25.22 2.56 -1.33
N VAL B 13 -24.82 1.31 -1.43
CA VAL B 13 -24.77 0.44 -0.27
C VAL B 13 -23.43 0.66 0.43
N ILE B 14 -23.48 1.01 1.72
CA ILE B 14 -22.26 1.28 2.47
C ILE B 14 -22.01 0.30 3.62
N GLY B 15 -23.04 -0.46 4.03
CA GLY B 15 -22.83 -1.38 5.13
C GLY B 15 -23.90 -2.43 5.43
N MET B 16 -23.45 -3.55 6.01
CA MET B 16 -24.33 -4.62 6.45
C MET B 16 -23.86 -5.25 7.75
N GLU B 17 -24.73 -5.21 8.75
CA GLU B 17 -24.45 -5.77 10.06
C GLU B 17 -23.20 -5.12 10.63
N ASN B 18 -23.21 -3.79 10.70
CA ASN B 18 -22.08 -3.00 11.14
C ASN B 18 -20.74 -3.46 10.56
N ALA B 19 -20.63 -3.39 9.23
CA ALA B 19 -19.41 -3.81 8.52
C ALA B 19 -19.43 -3.32 7.08
N MET B 20 -18.39 -3.66 6.33
CA MET B 20 -18.33 -3.34 4.90
C MET B 20 -18.24 -4.59 4.02
N PRO B 21 -19.25 -4.79 3.16
CA PRO B 21 -19.36 -5.97 2.29
C PRO B 21 -18.35 -5.99 1.14
N TRP B 22 -17.09 -5.77 1.46
CA TRP B 22 -15.99 -5.85 0.48
C TRP B 22 -14.61 -5.79 1.12
N ASN B 23 -13.59 -5.98 0.28
CA ASN B 23 -12.20 -5.74 0.68
C ASN B 23 -11.44 -5.05 -0.45
N LEU B 24 -11.19 -3.76 -0.29
CA LEU B 24 -10.35 -3.03 -1.23
C LEU B 24 -9.23 -2.29 -0.49
N PRO B 25 -7.98 -2.65 -0.79
CA PRO B 25 -6.86 -1.94 -0.19
C PRO B 25 -6.67 -0.54 -0.78
N ALA B 26 -6.98 -0.37 -2.07
CA ALA B 26 -6.79 0.92 -2.73
C ALA B 26 -7.62 2.01 -2.06
N ASP B 27 -8.87 1.68 -1.75
CA ASP B 27 -9.75 2.62 -1.07
C ASP B 27 -9.25 2.89 0.35
N LEU B 28 -8.59 1.91 0.96
CA LEU B 28 -7.99 2.11 2.28
C LEU B 28 -6.88 3.15 2.20
N ALA B 29 -6.05 3.03 1.18
CA ALA B 29 -4.95 3.99 0.96
C ALA B 29 -5.52 5.38 0.71
N TRP B 30 -6.59 5.43 -0.07
CA TRP B 30 -7.27 6.67 -0.41
C TRP B 30 -7.86 7.34 0.82
N PHE B 31 -8.51 6.54 1.64
CA PHE B 31 -9.04 6.96 2.92
C PHE B 31 -7.94 7.55 3.78
N LYS B 32 -6.84 6.81 3.94
CA LYS B 32 -5.73 7.28 4.76
C LYS B 32 -5.12 8.58 4.24
N ARG B 33 -5.06 8.72 2.91
CA ARG B 33 -4.49 9.91 2.30
C ARG B 33 -5.34 11.14 2.58
N ASN B 34 -6.65 11.00 2.42
CA ASN B 34 -7.54 12.15 2.58
C ASN B 34 -7.95 12.41 4.02
N THR B 35 -7.64 11.48 4.92
CA THR B 35 -7.96 11.67 6.33
C THR B 35 -6.72 12.03 7.16
N LEU B 36 -5.58 12.16 6.48
CA LEU B 36 -4.30 12.38 7.14
C LEU B 36 -4.18 13.74 7.80
N ASN B 37 -3.78 13.73 9.06
CA ASN B 37 -3.56 14.94 9.85
C ASN B 37 -4.83 15.77 10.05
N LYS B 38 -5.97 15.18 9.72
CA LYS B 38 -7.25 15.84 9.90
C LYS B 38 -8.05 15.15 11.00
N PRO B 39 -8.91 15.92 11.69
CA PRO B 39 -9.77 15.28 12.70
C PRO B 39 -10.94 14.55 12.05
N VAL B 40 -11.32 13.43 12.66
CA VAL B 40 -12.39 12.61 12.12
C VAL B 40 -13.52 12.46 13.12
N VAL B 41 -14.72 12.29 12.58
CA VAL B 41 -15.91 12.08 13.38
C VAL B 41 -16.70 10.87 12.86
N MET B 42 -17.20 10.07 13.79
CA MET B 42 -17.92 8.86 13.46
C MET B 42 -19.01 8.64 14.49
N GLY B 43 -19.99 7.79 14.17
CA GLY B 43 -21.07 7.46 15.08
C GLY B 43 -20.73 6.27 15.97
N ARG B 44 -21.66 5.86 16.83
CA ARG B 44 -21.42 4.77 17.77
C ARG B 44 -21.03 3.50 17.04
N LEU B 45 -21.87 3.17 16.06
CA LEU B 45 -21.78 1.97 15.24
C LEU B 45 -20.42 1.81 14.60
N THR B 46 -19.92 2.89 14.04
CA THR B 46 -18.68 2.87 13.28
C THR B 46 -17.61 2.38 14.25
N TRP B 47 -17.67 2.96 15.44
CA TRP B 47 -16.79 2.56 16.52
C TRP B 47 -16.95 1.08 16.80
N GLU B 48 -18.18 0.59 16.85
CA GLU B 48 -18.41 -0.83 17.10
C GLU B 48 -17.99 -1.70 15.92
N SER B 49 -17.97 -1.12 14.72
CA SER B 49 -17.59 -1.85 13.52
C SER B 49 -16.09 -2.05 13.47
N ILE B 50 -15.36 -1.10 14.04
CA ILE B 50 -13.90 -1.20 14.11
C ILE B 50 -13.37 -1.45 15.52
N GLY B 51 -13.68 -0.55 16.45
CA GLY B 51 -13.25 -0.73 17.83
C GLY B 51 -11.88 -0.14 18.14
N ARG B 52 -11.25 0.46 17.14
CA ARG B 52 -9.92 1.05 17.31
C ARG B 52 -9.77 2.42 16.68
N PRO B 53 -9.26 3.41 17.44
CA PRO B 53 -9.12 4.79 16.98
C PRO B 53 -8.18 4.92 15.78
N LEU B 54 -8.26 6.03 15.06
CA LEU B 54 -7.31 6.29 13.97
C LEU B 54 -6.05 6.99 14.48
N PRO B 55 -4.88 6.43 14.14
CA PRO B 55 -3.55 6.88 14.58
C PRO B 55 -3.25 8.35 14.31
N GLY B 56 -2.73 9.04 15.34
CA GLY B 56 -2.26 10.41 15.22
C GLY B 56 -3.28 11.46 14.84
N ARG B 57 -4.55 11.15 15.08
CA ARG B 57 -5.65 12.05 14.73
C ARG B 57 -6.52 12.39 15.93
N LYS B 58 -7.25 13.50 15.82
CA LYS B 58 -8.23 13.84 16.83
C LYS B 58 -9.46 12.97 16.61
N ASN B 59 -9.72 12.06 17.54
CA ASN B 59 -10.81 11.11 17.37
C ASN B 59 -12.06 11.50 18.15
N ILE B 60 -13.18 11.59 17.44
CA ILE B 60 -14.45 11.99 18.02
C ILE B 60 -15.57 11.01 17.65
N VAL B 61 -16.31 10.54 18.65
CA VAL B 61 -17.48 9.75 18.35
C VAL B 61 -18.70 10.41 19.02
N ILE B 62 -19.79 10.50 18.26
CA ILE B 62 -20.99 11.20 18.72
C ILE B 62 -22.08 10.21 19.14
N SER B 63 -22.66 10.43 20.32
CA SER B 63 -23.72 9.58 20.85
C SER B 63 -24.49 10.32 21.95
N SER B 64 -25.40 9.63 22.63
CA SER B 64 -26.17 10.25 23.71
C SER B 64 -25.91 9.50 25.00
N LYS B 65 -24.86 8.69 24.99
CA LYS B 65 -24.48 7.84 26.11
C LYS B 65 -23.12 8.31 26.64
N PRO B 66 -22.82 7.98 27.90
CA PRO B 66 -21.46 8.24 28.40
C PRO B 66 -20.39 7.46 27.64
N GLY B 67 -19.16 7.95 27.68
CA GLY B 67 -18.04 7.33 27.00
C GLY B 67 -17.64 5.96 27.50
N SER B 68 -17.64 4.97 26.60
CA SER B 68 -17.20 3.63 26.97
C SER B 68 -15.68 3.50 26.86
N ASP B 69 -15.00 4.57 26.45
CA ASP B 69 -13.56 4.51 26.26
C ASP B 69 -12.95 5.91 26.44
N ASP B 70 -11.80 6.01 27.11
CA ASP B 70 -11.23 7.32 27.47
C ASP B 70 -10.10 7.83 26.58
N ARG B 71 -9.60 6.98 25.69
CA ARG B 71 -8.47 7.34 24.83
C ARG B 71 -9.00 8.07 23.62
N VAL B 72 -10.32 8.19 23.56
CA VAL B 72 -11.05 8.79 22.46
C VAL B 72 -12.10 9.69 23.08
N GLN B 73 -12.46 10.78 22.40
CA GLN B 73 -13.48 11.65 22.96
C GLN B 73 -14.89 11.30 22.51
N TRP B 74 -15.75 11.17 23.51
CA TRP B 74 -17.16 10.88 23.33
C TRP B 74 -17.90 12.20 23.46
N VAL B 75 -18.95 12.35 22.67
CA VAL B 75 -19.66 13.61 22.59
C VAL B 75 -21.17 13.33 22.70
N SER B 76 -21.96 14.35 23.04
CA SER B 76 -23.39 14.15 23.29
C SER B 76 -24.28 14.91 22.32
N SER B 77 -23.68 15.51 21.29
CA SER B 77 -24.44 16.26 20.29
C SER B 77 -23.64 16.51 19.01
N VAL B 78 -24.25 17.21 18.06
CA VAL B 78 -23.60 17.46 16.78
C VAL B 78 -22.70 18.69 16.86
N GLU B 79 -23.29 19.80 17.29
CA GLU B 79 -22.57 21.06 17.39
C GLU B 79 -21.47 20.89 18.45
N GLU B 80 -21.70 19.95 19.35
CA GLU B 80 -20.73 19.58 20.37
C GLU B 80 -19.64 18.69 19.79
N ALA B 81 -19.92 18.04 18.67
CA ALA B 81 -18.93 17.19 18.01
C ALA B 81 -17.97 18.02 17.14
N ILE B 82 -18.51 19.03 16.45
CA ILE B 82 -17.68 19.94 15.66
C ILE B 82 -16.77 20.82 16.52
N ALA B 83 -17.30 21.33 17.63
CA ALA B 83 -16.53 22.17 18.55
C ALA B 83 -15.38 21.41 19.20
N ALA B 84 -15.40 20.07 19.09
CA ALA B 84 -14.33 19.25 19.66
C ALA B 84 -13.18 19.14 18.67
N CYS B 85 -13.40 19.66 17.46
CA CYS B 85 -12.36 19.77 16.46
C CYS B 85 -11.77 21.16 16.56
N GLY B 86 -12.64 22.16 16.73
CA GLY B 86 -12.25 23.54 16.85
C GLY B 86 -12.21 24.29 15.53
N ASP B 87 -11.29 25.25 15.43
CA ASP B 87 -11.16 26.05 14.21
C ASP B 87 -10.12 25.41 13.29
N VAL B 88 -10.56 24.39 12.57
CA VAL B 88 -9.71 23.63 11.67
C VAL B 88 -10.16 23.98 10.25
N GLU B 89 -9.28 23.82 9.26
CA GLU B 89 -9.64 24.13 7.88
C GLU B 89 -10.53 23.04 7.30
N GLU B 90 -10.35 21.81 7.78
CA GLU B 90 -11.15 20.70 7.28
C GLU B 90 -11.45 19.66 8.36
N ILE B 91 -12.70 19.25 8.42
CA ILE B 91 -13.14 18.23 9.36
C ILE B 91 -13.67 17.08 8.54
N MET B 92 -13.27 15.86 8.89
CA MET B 92 -13.65 14.73 8.06
C MET B 92 -14.69 13.91 8.80
N VAL B 93 -15.78 13.60 8.09
CA VAL B 93 -16.83 12.76 8.63
C VAL B 93 -16.71 11.43 7.91
N ILE B 94 -16.53 10.36 8.67
CA ILE B 94 -16.22 9.09 8.04
C ILE B 94 -17.36 8.08 8.15
N GLY B 95 -18.42 8.46 8.84
CA GLY B 95 -19.59 7.59 8.93
C GLY B 95 -20.31 7.72 10.25
N GLY B 96 -21.43 7.03 10.41
CA GLY B 96 -22.00 6.19 9.37
C GLY B 96 -23.17 6.83 8.65
N GLY B 97 -24.24 6.07 8.44
CA GLY B 97 -25.36 6.53 7.63
C GLY B 97 -26.11 7.78 8.09
N ARG B 98 -26.61 7.78 9.32
CA ARG B 98 -27.35 8.94 9.83
C ARG B 98 -26.40 10.08 10.17
N VAL B 99 -25.17 9.75 10.58
CA VAL B 99 -24.16 10.79 10.78
C VAL B 99 -23.96 11.50 9.42
N TYR B 100 -23.83 10.71 8.35
CA TYR B 100 -23.76 11.25 7.00
C TYR B 100 -24.96 12.12 6.67
N GLU B 101 -26.15 11.63 7.03
CA GLU B 101 -27.41 12.31 6.72
C GLU B 101 -27.48 13.69 7.39
N GLN B 102 -27.13 13.72 8.67
CA GLN B 102 -27.20 14.95 9.46
C GLN B 102 -26.10 15.93 9.07
N PHE B 103 -24.93 15.41 8.69
CA PHE B 103 -23.79 16.28 8.40
C PHE B 103 -23.74 16.71 6.93
N LEU B 104 -24.56 16.09 6.09
CA LEU B 104 -24.62 16.40 4.66
C LEU B 104 -25.00 17.86 4.33
N PRO B 105 -25.95 18.47 5.08
CA PRO B 105 -26.27 19.86 4.75
C PRO B 105 -25.11 20.84 4.87
N LYS B 106 -24.20 20.58 5.80
CA LYS B 106 -23.06 21.46 6.03
C LYS B 106 -21.87 21.25 5.09
N ALA B 107 -21.67 20.01 4.65
CA ALA B 107 -20.49 19.64 3.87
C ALA B 107 -20.29 20.49 2.63
N GLN B 108 -19.04 20.81 2.33
CA GLN B 108 -18.69 21.58 1.14
C GLN B 108 -17.93 20.69 0.17
N LYS B 109 -17.68 19.45 0.58
CA LYS B 109 -16.91 18.52 -0.22
C LYS B 109 -17.27 17.06 0.04
N LEU B 110 -17.22 16.24 -1.01
CA LEU B 110 -17.50 14.82 -0.92
C LEU B 110 -16.35 14.01 -1.52
N TYR B 111 -15.78 13.13 -0.71
CA TYR B 111 -14.79 12.16 -1.20
C TYR B 111 -15.49 10.83 -1.39
N LEU B 112 -15.72 10.45 -2.63
CA LEU B 112 -16.51 9.26 -2.89
C LEU B 112 -15.69 8.22 -3.63
N THR B 113 -15.80 6.98 -3.18
CA THR B 113 -15.23 5.85 -3.90
C THR B 113 -16.40 5.06 -4.44
N HIS B 114 -16.55 5.05 -5.75
CA HIS B 114 -17.64 4.35 -6.42
C HIS B 114 -17.24 2.94 -6.80
N ILE B 115 -17.74 1.97 -6.03
CA ILE B 115 -17.45 0.56 -6.27
C ILE B 115 -18.49 -0.06 -7.19
N ASP B 116 -18.06 -0.69 -8.29
CA ASP B 116 -19.01 -1.38 -9.14
C ASP B 116 -19.15 -2.80 -8.61
N ALA B 117 -20.02 -2.94 -7.62
CA ALA B 117 -20.27 -4.23 -7.01
C ALA B 117 -21.69 -4.26 -6.47
N GLU B 118 -22.32 -5.42 -6.66
CA GLU B 118 -23.66 -5.64 -6.17
C GLU B 118 -23.50 -6.48 -4.93
N VAL B 119 -23.91 -5.93 -3.79
CA VAL B 119 -23.69 -6.59 -2.51
C VAL B 119 -24.88 -6.43 -1.58
N GLU B 120 -24.79 -7.09 -0.43
CA GLU B 120 -25.89 -7.12 0.51
C GLU B 120 -25.64 -6.10 1.61
N GLY B 121 -26.63 -5.24 1.88
CA GLY B 121 -26.45 -4.20 2.87
C GLY B 121 -27.72 -3.58 3.43
N ASP B 122 -27.64 -3.03 4.64
CA ASP B 122 -28.80 -2.41 5.29
C ASP B 122 -28.71 -0.89 5.28
N THR B 123 -27.53 -0.37 4.95
CA THR B 123 -27.30 1.07 5.04
C THR B 123 -26.90 1.68 3.71
N HIS B 124 -27.47 2.83 3.43
CA HIS B 124 -27.24 3.51 2.18
C HIS B 124 -26.72 4.92 2.43
N PHE B 125 -26.09 5.50 1.41
CA PHE B 125 -25.64 6.88 1.47
C PHE B 125 -26.81 7.75 1.04
N PRO B 126 -27.05 8.86 1.75
CA PRO B 126 -28.18 9.76 1.52
C PRO B 126 -28.32 10.19 0.07
N ASP B 127 -29.55 10.30 -0.42
CA ASP B 127 -29.74 10.74 -1.78
C ASP B 127 -29.46 12.23 -1.85
N TYR B 128 -28.53 12.62 -2.71
CA TYR B 128 -28.23 14.03 -2.85
C TYR B 128 -28.66 14.47 -4.23
N ASP B 129 -28.97 15.75 -4.39
CA ASP B 129 -29.37 16.29 -5.67
C ASP B 129 -28.10 16.71 -6.38
N PRO B 130 -27.77 16.04 -7.50
CA PRO B 130 -26.55 16.30 -8.28
C PRO B 130 -26.50 17.74 -8.75
N ASP B 131 -27.61 18.44 -8.61
CA ASP B 131 -27.70 19.85 -8.94
C ASP B 131 -26.94 20.64 -7.87
N GLU B 132 -26.83 20.07 -6.68
CA GLU B 132 -26.20 20.75 -5.56
C GLU B 132 -24.68 20.50 -5.48
N TRP B 133 -24.18 19.51 -6.22
CA TRP B 133 -22.73 19.22 -6.24
C TRP B 133 -22.18 19.14 -7.66
N GLU B 134 -20.88 19.38 -7.80
CA GLU B 134 -20.21 19.14 -9.08
C GLU B 134 -18.90 18.39 -8.83
N SER B 135 -18.48 17.61 -9.82
CA SER B 135 -17.25 16.82 -9.74
C SER B 135 -16.03 17.56 -10.27
N VAL B 136 -15.02 17.76 -9.42
CA VAL B 136 -13.79 18.41 -9.86
C VAL B 136 -12.71 17.40 -10.24
N PHE B 137 -12.84 16.18 -9.76
CA PHE B 137 -11.84 15.16 -10.04
C PHE B 137 -12.45 13.76 -10.07
N SER B 138 -12.09 13.00 -11.10
CA SER B 138 -12.57 11.64 -11.28
C SER B 138 -11.44 10.74 -11.75
N GLU B 139 -11.19 9.68 -10.98
CA GLU B 139 -10.14 8.72 -11.33
C GLU B 139 -10.68 7.29 -11.32
N PHE B 140 -10.67 6.67 -12.48
CA PHE B 140 -11.18 5.31 -12.63
C PHE B 140 -10.03 4.31 -12.68
N HIS B 141 -10.23 3.17 -12.04
CA HIS B 141 -9.27 2.09 -12.06
C HIS B 141 -9.99 0.78 -12.26
N ASP B 142 -9.48 -0.02 -13.19
CA ASP B 142 -10.02 -1.34 -13.44
C ASP B 142 -9.69 -2.20 -12.22
N ALA B 143 -10.31 -3.36 -12.12
CA ALA B 143 -10.03 -4.25 -11.01
C ALA B 143 -8.67 -4.88 -11.26
N ASP B 144 -8.03 -5.34 -10.20
CA ASP B 144 -6.72 -5.97 -10.35
C ASP B 144 -6.47 -7.05 -9.29
N ALA B 145 -5.20 -7.40 -9.08
CA ALA B 145 -4.86 -8.48 -8.15
C ALA B 145 -5.36 -8.23 -6.74
N GLN B 146 -5.05 -7.05 -6.21
CA GLN B 146 -5.36 -6.71 -4.82
C GLN B 146 -6.80 -6.23 -4.69
N ASN B 147 -7.31 -5.63 -5.77
CA ASN B 147 -8.68 -5.12 -5.79
C ASN B 147 -9.61 -5.99 -6.63
N SER B 148 -10.54 -6.65 -5.96
CA SER B 148 -11.44 -7.61 -6.58
C SER B 148 -12.32 -6.96 -7.65
N HIS B 149 -12.83 -5.77 -7.36
CA HIS B 149 -13.70 -5.04 -8.29
C HIS B 149 -13.05 -3.74 -8.75
N SER B 150 -13.50 -3.22 -9.89
CA SER B 150 -13.05 -1.91 -10.34
C SER B 150 -13.69 -0.85 -9.45
N TYR B 151 -13.19 0.38 -9.53
CA TYR B 151 -13.63 1.45 -8.63
C TYR B 151 -13.29 2.81 -9.23
N CYS B 152 -13.96 3.86 -8.75
CA CYS B 152 -13.67 5.21 -9.25
C CYS B 152 -13.65 6.25 -8.13
N PHE B 153 -12.55 6.98 -8.04
CA PHE B 153 -12.44 8.04 -7.04
C PHE B 153 -13.02 9.34 -7.57
N GLU B 154 -13.75 10.04 -6.70
CA GLU B 154 -14.46 11.26 -7.09
C GLU B 154 -14.38 12.30 -5.98
N ILE B 155 -14.13 13.55 -6.37
CA ILE B 155 -14.17 14.65 -5.43
C ILE B 155 -15.24 15.65 -5.89
N LEU B 156 -16.19 15.94 -5.01
CA LEU B 156 -17.30 16.84 -5.33
C LEU B 156 -17.33 18.04 -4.40
N GLU B 157 -17.88 19.14 -4.90
CA GLU B 157 -18.06 20.35 -4.08
C GLU B 157 -19.43 20.99 -4.30
N ARG B 158 -19.96 21.58 -3.24
CA ARG B 158 -21.25 22.26 -3.26
C ARG B 158 -21.12 23.53 -4.12
N ARG B 159 -22.22 23.97 -4.72
CA ARG B 159 -22.25 25.17 -5.54
C ARG B 159 -23.45 26.04 -5.16
N MET C 1 35.40 -9.56 0.04
CA MET C 1 34.20 -10.30 0.39
C MET C 1 33.01 -9.80 -0.44
N ILE C 2 32.13 -10.71 -0.85
CA ILE C 2 30.97 -10.34 -1.65
C ILE C 2 29.68 -10.41 -0.83
N SER C 3 28.83 -9.40 -0.97
CA SER C 3 27.55 -9.34 -0.26
C SER C 3 26.44 -9.00 -1.24
N LEU C 4 25.25 -9.55 -0.99
CA LEU C 4 24.08 -9.27 -1.83
C LEU C 4 23.07 -8.48 -1.03
N ILE C 5 22.42 -7.52 -1.67
CA ILE C 5 21.37 -6.76 -1.01
C ILE C 5 20.11 -6.78 -1.88
N ALA C 6 18.98 -7.12 -1.26
CA ALA C 6 17.74 -7.29 -2.01
C ALA C 6 16.48 -7.07 -1.19
N ALA C 7 15.42 -6.67 -1.88
CA ALA C 7 14.10 -6.52 -1.28
C ALA C 7 13.21 -7.68 -1.72
N LEU C 8 12.67 -8.40 -0.76
CA LEU C 8 11.93 -9.62 -1.01
C LEU C 8 10.47 -9.55 -0.58
N ALA C 9 9.56 -9.70 -1.53
CA ALA C 9 8.15 -9.78 -1.19
C ALA C 9 7.82 -11.21 -0.76
N VAL C 10 6.54 -11.50 -0.59
CA VAL C 10 6.12 -12.86 -0.27
C VAL C 10 6.39 -13.76 -1.48
N ASP C 11 6.79 -15.00 -1.19
CA ASP C 11 7.16 -15.99 -2.21
C ASP C 11 8.30 -15.50 -3.10
N ARG C 12 9.23 -14.76 -2.49
CA ARG C 12 10.52 -14.42 -3.11
C ARG C 12 10.37 -13.58 -4.37
N VAL C 13 9.36 -12.70 -4.39
CA VAL C 13 9.13 -11.85 -5.56
C VAL C 13 9.94 -10.57 -5.44
N ILE C 14 10.80 -10.28 -6.43
CA ILE C 14 11.62 -9.08 -6.38
C ILE C 14 11.35 -8.10 -7.54
N GLY C 15 10.66 -8.55 -8.57
CA GLY C 15 10.41 -7.66 -9.69
C GLY C 15 9.35 -8.10 -10.68
N MET C 16 8.70 -7.11 -11.30
CA MET C 16 7.65 -7.35 -12.28
C MET C 16 7.76 -6.32 -13.40
N GLU C 17 7.95 -6.79 -14.62
CA GLU C 17 8.10 -5.92 -15.79
C GLU C 17 9.24 -4.94 -15.63
N ASN C 18 10.43 -5.48 -15.36
CA ASN C 18 11.63 -4.69 -15.09
C ASN C 18 11.31 -3.49 -14.19
N ALA C 19 10.78 -3.78 -13.00
CA ALA C 19 10.42 -2.76 -12.03
C ALA C 19 10.15 -3.42 -10.69
N MET C 20 9.80 -2.62 -9.69
CA MET C 20 9.46 -3.17 -8.39
C MET C 20 8.02 -2.82 -8.03
N PRO C 21 7.18 -3.85 -7.90
CA PRO C 21 5.76 -3.65 -7.63
C PRO C 21 5.45 -3.24 -6.19
N TRP C 22 6.15 -2.24 -5.67
CA TRP C 22 5.86 -1.70 -4.34
C TRP C 22 6.64 -0.41 -4.10
N ASN C 23 6.37 0.24 -2.97
CA ASN C 23 7.16 1.42 -2.56
C ASN C 23 7.50 1.40 -1.09
N LEU C 24 8.77 1.19 -0.78
CA LEU C 24 9.25 1.34 0.58
C LEU C 24 10.41 2.31 0.68
N PRO C 25 10.20 3.44 1.36
CA PRO C 25 11.22 4.45 1.66
C PRO C 25 12.16 3.95 2.75
N ALA C 26 11.64 3.17 3.69
CA ALA C 26 12.46 2.66 4.77
C ALA C 26 13.55 1.77 4.19
N ASP C 27 13.16 0.94 3.22
CA ASP C 27 14.11 0.09 2.52
C ASP C 27 15.05 0.90 1.65
N LEU C 28 14.59 2.05 1.15
CA LEU C 28 15.45 2.95 0.38
C LEU C 28 16.57 3.51 1.25
N ALA C 29 16.20 3.98 2.43
CA ALA C 29 17.13 4.52 3.40
C ALA C 29 18.08 3.43 3.84
N TRP C 30 17.56 2.23 4.08
CA TRP C 30 18.35 1.09 4.52
C TRP C 30 19.37 0.70 3.45
N PHE C 31 18.91 0.68 2.21
CA PHE C 31 19.75 0.45 1.05
C PHE C 31 20.90 1.44 0.99
N LYS C 32 20.58 2.73 1.06
CA LYS C 32 21.60 3.78 1.01
C LYS C 32 22.57 3.73 2.19
N ARG C 33 22.09 3.34 3.35
CA ARG C 33 22.93 3.23 4.54
C ARG C 33 23.95 2.13 4.32
N ASN C 34 23.47 1.01 3.79
CA ASN C 34 24.31 -0.17 3.62
C ASN C 34 25.14 -0.22 2.34
N THR C 35 24.87 0.69 1.41
CA THR C 35 25.65 0.79 0.16
C THR C 35 26.65 1.95 0.17
N LEU C 36 26.71 2.66 1.29
CA LEU C 36 27.55 3.85 1.43
C LEU C 36 29.02 3.46 1.42
N ASN C 37 29.84 4.16 0.64
CA ASN C 37 31.28 3.87 0.52
C ASN C 37 31.61 2.52 -0.07
N LYS C 38 30.61 1.83 -0.62
CA LYS C 38 30.83 0.53 -1.22
C LYS C 38 30.61 0.52 -2.72
N PRO C 39 31.32 -0.38 -3.45
CA PRO C 39 31.10 -0.56 -4.89
C PRO C 39 29.85 -1.40 -5.15
N VAL C 40 29.13 -1.12 -6.24
CA VAL C 40 27.89 -1.84 -6.53
C VAL C 40 27.97 -2.57 -7.86
N VAL C 41 27.24 -3.68 -7.97
CA VAL C 41 27.21 -4.48 -9.20
C VAL C 41 25.77 -4.74 -9.63
N MET C 42 25.49 -4.63 -10.92
CA MET C 42 24.12 -4.80 -11.40
C MET C 42 24.10 -5.42 -12.80
N GLY C 43 22.96 -5.97 -13.17
CA GLY C 43 22.81 -6.53 -14.51
C GLY C 43 22.32 -5.37 -15.35
N ARG C 44 22.19 -5.54 -16.66
CA ARG C 44 21.75 -4.42 -17.48
C ARG C 44 20.33 -3.94 -17.31
N LEU C 45 19.36 -4.83 -17.41
CA LEU C 45 17.95 -4.41 -17.38
C LEU C 45 17.68 -3.63 -16.09
N THR C 46 18.45 -3.96 -15.05
CA THR C 46 18.36 -3.22 -13.81
C THR C 46 18.81 -1.79 -14.09
N TRP C 47 20.01 -1.66 -14.65
CA TRP C 47 20.58 -0.38 -15.02
C TRP C 47 19.61 0.44 -15.86
N GLU C 48 18.93 -0.20 -16.81
CA GLU C 48 17.93 0.46 -17.62
C GLU C 48 16.70 0.81 -16.79
N SER C 49 16.52 0.08 -15.69
CA SER C 49 15.41 0.33 -14.77
C SER C 49 15.76 1.61 -14.02
N ILE C 50 17.05 1.95 -14.06
CA ILE C 50 17.55 3.18 -13.44
C ILE C 50 17.79 4.36 -14.38
N GLY C 51 18.79 4.22 -15.24
CA GLY C 51 19.15 5.23 -16.23
C GLY C 51 20.04 6.34 -15.67
N ARG C 52 20.26 6.32 -14.36
CA ARG C 52 21.10 7.32 -13.70
C ARG C 52 22.00 6.69 -12.63
N PRO C 53 23.28 7.02 -12.63
CA PRO C 53 24.18 6.33 -11.70
C PRO C 53 23.80 6.55 -10.24
N LEU C 54 24.32 5.70 -9.36
CA LEU C 54 24.10 5.88 -7.94
C LEU C 54 25.18 6.84 -7.48
N PRO C 55 24.76 7.94 -6.82
CA PRO C 55 25.65 9.04 -6.42
C PRO C 55 26.88 8.61 -5.62
N GLY C 56 28.05 9.09 -6.05
CA GLY C 56 29.29 8.89 -5.33
C GLY C 56 29.67 7.44 -5.14
N ARG C 57 29.10 6.57 -5.96
CA ARG C 57 29.40 5.14 -5.84
C ARG C 57 29.93 4.65 -7.18
N LYS C 58 30.79 3.64 -7.15
CA LYS C 58 31.28 3.05 -8.38
C LYS C 58 30.29 2.08 -8.97
N ASN C 59 29.76 2.42 -10.14
CA ASN C 59 28.74 1.61 -10.77
C ASN C 59 29.31 0.71 -11.87
N ILE C 60 28.98 -0.57 -11.77
CA ILE C 60 29.47 -1.57 -12.72
C ILE C 60 28.24 -2.27 -13.31
N VAL C 61 28.20 -2.36 -14.63
CA VAL C 61 27.09 -3.04 -15.31
C VAL C 61 27.61 -4.19 -16.17
N ILE C 62 26.90 -5.31 -16.13
CA ILE C 62 27.33 -6.53 -16.79
C ILE C 62 26.61 -6.72 -18.12
N SER C 63 27.37 -6.97 -19.19
CA SER C 63 26.77 -7.20 -20.50
C SER C 63 27.70 -7.83 -21.53
N SER C 64 27.13 -8.05 -22.71
CA SER C 64 27.85 -8.57 -23.86
C SER C 64 27.65 -7.65 -25.07
N LYS C 65 27.15 -6.45 -24.81
CA LYS C 65 26.87 -5.49 -25.87
C LYS C 65 27.82 -4.32 -25.69
N PRO C 66 28.00 -3.50 -26.74
CA PRO C 66 28.83 -2.30 -26.56
C PRO C 66 28.27 -1.36 -25.48
N GLY C 67 29.14 -0.56 -24.89
CA GLY C 67 28.71 0.34 -23.83
C GLY C 67 27.75 1.38 -24.34
N SER C 68 26.53 1.36 -23.81
CA SER C 68 25.52 2.36 -24.16
C SER C 68 25.63 3.58 -23.26
N ASP C 69 26.61 3.56 -22.35
CA ASP C 69 26.69 4.63 -21.36
C ASP C 69 28.11 4.94 -20.87
N ASP C 70 28.33 6.23 -20.64
CA ASP C 70 29.62 6.75 -20.23
C ASP C 70 29.69 6.99 -18.72
N ARG C 71 28.54 6.94 -18.04
CA ARG C 71 28.50 7.23 -16.61
C ARG C 71 28.75 5.99 -15.76
N VAL C 72 28.94 4.85 -16.42
CA VAL C 72 29.12 3.60 -15.70
C VAL C 72 30.24 2.77 -16.30
N GLN C 73 30.88 1.96 -15.47
CA GLN C 73 31.94 1.08 -15.94
C GLN C 73 31.30 -0.22 -16.41
N TRP C 74 31.66 -0.64 -17.62
CA TRP C 74 31.09 -1.85 -18.19
C TRP C 74 32.04 -3.04 -18.12
N VAL C 75 31.48 -4.19 -17.78
CA VAL C 75 32.28 -5.41 -17.74
C VAL C 75 31.36 -6.55 -18.22
N SER C 76 31.93 -7.70 -18.56
CA SER C 76 31.15 -8.77 -19.20
C SER C 76 31.07 -10.07 -18.40
N SER C 77 31.53 -10.05 -17.15
CA SER C 77 31.49 -11.25 -16.31
C SER C 77 31.67 -10.96 -14.82
N VAL C 78 31.74 -12.03 -14.03
CA VAL C 78 31.83 -11.92 -12.57
C VAL C 78 33.25 -11.67 -12.08
N GLU C 79 34.18 -12.53 -12.47
CA GLU C 79 35.58 -12.42 -12.05
C GLU C 79 36.23 -11.15 -12.58
N GLU C 80 35.70 -10.62 -13.67
CA GLU C 80 36.21 -9.35 -14.17
C GLU C 80 35.59 -8.22 -13.36
N ALA C 81 34.46 -8.51 -12.71
CA ALA C 81 33.80 -7.56 -11.83
C ALA C 81 34.46 -7.57 -10.45
N ILE C 82 34.93 -8.74 -10.01
CA ILE C 82 35.64 -8.81 -8.74
C ILE C 82 36.95 -8.04 -8.91
N ALA C 83 37.60 -8.21 -10.06
CA ALA C 83 38.83 -7.48 -10.36
C ALA C 83 38.59 -5.97 -10.56
N ALA C 84 37.33 -5.59 -10.74
CA ALA C 84 36.96 -4.19 -10.95
C ALA C 84 36.73 -3.39 -9.67
N CYS C 85 36.82 -4.05 -8.52
CA CYS C 85 36.67 -3.38 -7.23
C CYS C 85 38.02 -2.91 -6.68
N GLY C 86 39.04 -3.76 -6.80
CA GLY C 86 40.35 -3.44 -6.28
C GLY C 86 40.54 -3.99 -4.87
N ASP C 87 41.30 -3.29 -4.05
CA ASP C 87 41.51 -3.77 -2.68
C ASP C 87 40.45 -3.15 -1.79
N VAL C 88 39.24 -3.71 -1.83
CA VAL C 88 38.13 -3.21 -1.04
C VAL C 88 37.77 -4.18 0.08
N GLU C 89 37.15 -3.64 1.13
CA GLU C 89 36.73 -4.43 2.27
C GLU C 89 35.38 -5.14 2.05
N GLU C 90 34.49 -4.50 1.29
CA GLU C 90 33.14 -5.03 1.08
C GLU C 90 32.60 -4.71 -0.31
N ILE C 91 31.97 -5.69 -0.95
CA ILE C 91 31.45 -5.54 -2.29
C ILE C 91 29.92 -5.72 -2.28
N MET C 92 29.19 -4.82 -2.94
CA MET C 92 27.73 -4.90 -2.90
C MET C 92 27.13 -5.29 -4.25
N VAL C 93 26.25 -6.28 -4.25
CA VAL C 93 25.56 -6.70 -5.45
C VAL C 93 24.12 -6.26 -5.27
N ILE C 94 23.61 -5.47 -6.22
CA ILE C 94 22.32 -4.84 -6.02
C ILE C 94 21.19 -5.35 -6.92
N GLY C 95 21.50 -6.26 -7.84
CA GLY C 95 20.48 -6.87 -8.67
C GLY C 95 20.96 -7.19 -10.08
N GLY C 96 20.12 -7.84 -10.88
CA GLY C 96 18.82 -8.34 -10.44
C GLY C 96 18.84 -9.84 -10.21
N GLY C 97 17.81 -10.52 -10.68
CA GLY C 97 17.63 -11.94 -10.41
C GLY C 97 18.73 -12.87 -10.85
N ARG C 98 19.17 -12.74 -12.11
CA ARG C 98 20.19 -13.64 -12.63
C ARG C 98 21.58 -13.35 -12.06
N VAL C 99 21.89 -12.06 -11.87
CA VAL C 99 23.13 -11.66 -11.21
C VAL C 99 23.14 -12.17 -9.77
N TYR C 100 22.02 -12.02 -9.07
CA TYR C 100 21.85 -12.59 -7.73
C TYR C 100 22.15 -14.08 -7.75
N GLU C 101 21.63 -14.74 -8.79
CA GLU C 101 21.77 -16.17 -8.95
C GLU C 101 23.25 -16.55 -9.08
N GLN C 102 23.99 -15.79 -9.90
CA GLN C 102 25.40 -16.07 -10.13
C GLN C 102 26.28 -15.75 -8.92
N PHE C 103 25.93 -14.69 -8.18
CA PHE C 103 26.77 -14.22 -7.09
C PHE C 103 26.44 -14.82 -5.73
N LEU C 104 25.27 -15.42 -5.60
CA LEU C 104 24.88 -16.00 -4.33
C LEU C 104 25.82 -17.13 -3.86
N PRO C 105 26.28 -18.02 -4.76
CA PRO C 105 27.23 -19.03 -4.30
C PRO C 105 28.55 -18.46 -3.76
N LYS C 106 28.94 -17.29 -4.27
CA LYS C 106 30.17 -16.62 -3.85
C LYS C 106 30.03 -15.78 -2.56
N ALA C 107 28.84 -15.22 -2.35
CA ALA C 107 28.55 -14.27 -1.27
C ALA C 107 28.83 -14.77 0.16
N GLN C 108 29.29 -13.86 1.02
CA GLN C 108 29.51 -14.17 2.43
C GLN C 108 28.54 -13.40 3.33
N LYS C 109 27.69 -12.58 2.73
CA LYS C 109 26.74 -11.79 3.52
C LYS C 109 25.50 -11.41 2.70
N LEU C 110 24.36 -11.35 3.39
CA LEU C 110 23.09 -11.00 2.76
C LEU C 110 22.38 -9.86 3.47
N TYR C 111 22.09 -8.79 2.74
CA TYR C 111 21.23 -7.73 3.26
C TYR C 111 19.84 -7.90 2.65
N LEU C 112 18.89 -8.38 3.45
CA LEU C 112 17.58 -8.72 2.95
C LEU C 112 16.49 -7.89 3.64
N THR C 113 15.56 -7.39 2.84
CA THR C 113 14.39 -6.72 3.36
C THR C 113 13.17 -7.57 3.13
N HIS C 114 12.56 -8.04 4.22
CA HIS C 114 11.39 -8.89 4.12
C HIS C 114 10.12 -8.06 4.18
N ILE C 115 9.49 -7.87 3.03
CA ILE C 115 8.25 -7.11 2.95
C ILE C 115 7.07 -8.06 3.08
N ASP C 116 6.18 -7.79 4.02
CA ASP C 116 5.02 -8.64 4.20
C ASP C 116 3.92 -8.19 3.24
N ALA C 117 4.03 -8.63 1.99
CA ALA C 117 3.02 -8.35 0.99
C ALA C 117 3.11 -9.36 -0.14
N GLU C 118 1.97 -9.82 -0.65
CA GLU C 118 1.97 -10.72 -1.79
C GLU C 118 1.51 -9.99 -3.04
N VAL C 119 2.38 -10.00 -4.06
CA VAL C 119 2.13 -9.27 -5.30
C VAL C 119 2.69 -10.07 -6.47
N GLU C 120 2.42 -9.63 -7.69
CA GLU C 120 2.81 -10.43 -8.86
C GLU C 120 4.12 -9.96 -9.47
N GLY C 121 4.94 -10.93 -9.86
CA GLY C 121 6.23 -10.64 -10.43
C GLY C 121 6.71 -11.77 -11.30
N ASP C 122 7.58 -11.43 -12.24
CA ASP C 122 8.12 -12.38 -13.19
C ASP C 122 9.55 -12.81 -12.83
N THR C 123 10.13 -12.10 -11.86
CA THR C 123 11.50 -12.34 -11.44
C THR C 123 11.55 -12.65 -9.94
N HIS C 124 12.38 -13.62 -9.57
CA HIS C 124 12.48 -14.08 -8.20
C HIS C 124 13.91 -13.97 -7.68
N PHE C 125 14.04 -13.94 -6.37
CA PHE C 125 15.33 -13.99 -5.70
C PHE C 125 15.67 -15.44 -5.45
N PRO C 126 16.94 -15.83 -5.70
CA PRO C 126 17.37 -17.22 -5.56
C PRO C 126 16.99 -17.81 -4.20
N ASP C 127 16.56 -19.06 -4.18
CA ASP C 127 16.20 -19.70 -2.92
C ASP C 127 17.49 -20.04 -2.20
N TYR C 128 17.61 -19.58 -0.96
CA TYR C 128 18.83 -19.86 -0.19
C TYR C 128 18.50 -20.83 0.92
N ASP C 129 19.52 -21.59 1.33
CA ASP C 129 19.37 -22.57 2.40
C ASP C 129 19.64 -21.89 3.73
N PRO C 130 18.59 -21.69 4.55
CA PRO C 130 18.70 -20.97 5.84
C PRO C 130 19.63 -21.63 6.85
N ASP C 131 19.98 -22.89 6.62
CA ASP C 131 20.96 -23.57 7.46
C ASP C 131 22.39 -23.13 7.13
N GLU C 132 22.58 -22.61 5.92
CA GLU C 132 23.92 -22.18 5.50
C GLU C 132 24.19 -20.75 5.96
N TRP C 133 23.16 -20.08 6.47
CA TRP C 133 23.27 -18.69 6.87
C TRP C 133 22.82 -18.49 8.30
N GLU C 134 23.30 -17.42 8.93
CA GLU C 134 22.86 -17.06 10.27
C GLU C 134 22.41 -15.60 10.33
N SER C 135 21.38 -15.34 11.14
CA SER C 135 20.84 -14.00 11.26
C SER C 135 21.55 -13.24 12.37
N VAL C 136 22.27 -12.18 11.98
CA VAL C 136 23.01 -11.38 12.94
C VAL C 136 22.21 -10.14 13.31
N PHE C 137 21.23 -9.82 12.47
CA PHE C 137 20.41 -8.64 12.69
C PHE C 137 19.00 -8.85 12.20
N SER C 138 18.04 -8.53 13.05
CA SER C 138 16.63 -8.60 12.70
C SER C 138 15.86 -7.48 13.37
N GLU C 139 15.23 -6.63 12.57
CA GLU C 139 14.39 -5.56 13.13
C GLU C 139 13.05 -5.47 12.40
N PHE C 140 11.98 -5.66 13.15
CA PHE C 140 10.62 -5.65 12.61
C PHE C 140 10.00 -4.28 12.82
N HIS C 141 9.25 -3.83 11.82
CA HIS C 141 8.62 -2.53 11.90
C HIS C 141 7.17 -2.60 11.45
N ASP C 142 6.27 -2.04 12.25
CA ASP C 142 4.87 -1.99 11.89
C ASP C 142 4.67 -1.04 10.73
N ALA C 143 3.50 -1.11 10.09
CA ALA C 143 3.18 -0.22 9.00
C ALA C 143 2.76 1.14 9.53
N ASP C 144 2.92 2.18 8.71
CA ASP C 144 2.48 3.52 9.08
C ASP C 144 2.08 4.32 7.84
N ALA C 145 2.03 5.64 7.97
CA ALA C 145 1.63 6.50 6.86
C ALA C 145 2.51 6.33 5.63
N GLN C 146 3.82 6.39 5.84
CA GLN C 146 4.80 6.39 4.75
C GLN C 146 5.08 5.00 4.20
N ASN C 147 4.92 3.99 5.06
CA ASN C 147 5.16 2.61 4.67
C ASN C 147 3.88 1.77 4.55
N SER C 148 3.53 1.38 3.32
CA SER C 148 2.27 0.67 3.04
C SER C 148 2.13 -0.67 3.74
N HIS C 149 3.19 -1.48 3.71
CA HIS C 149 3.16 -2.80 4.32
C HIS C 149 4.19 -2.92 5.43
N SER C 150 3.98 -3.89 6.32
CA SER C 150 4.96 -4.14 7.37
C SER C 150 6.22 -4.76 6.75
N TYR C 151 7.31 -4.75 7.52
CA TYR C 151 8.59 -5.21 6.98
C TYR C 151 9.58 -5.56 8.08
N CYS C 152 10.61 -6.35 7.72
CA CYS C 152 11.65 -6.72 8.65
C CYS C 152 13.01 -6.67 7.99
N PHE C 153 13.95 -5.92 8.56
CA PHE C 153 15.29 -5.86 8.03
C PHE C 153 16.13 -7.00 8.59
N GLU C 154 16.90 -7.64 7.72
CA GLU C 154 17.64 -8.80 8.14
C GLU C 154 19.02 -8.87 7.51
N ILE C 155 20.00 -9.22 8.32
CA ILE C 155 21.36 -9.42 7.83
C ILE C 155 21.77 -10.87 8.11
N LEU C 156 22.18 -11.56 7.05
CA LEU C 156 22.53 -12.96 7.14
C LEU C 156 24.00 -13.13 6.81
N GLU C 157 24.65 -14.17 7.33
CA GLU C 157 26.03 -14.44 6.96
C GLU C 157 26.24 -15.92 6.67
N ARG C 158 27.08 -16.21 5.68
CA ARG C 158 27.34 -17.59 5.26
C ARG C 158 28.14 -18.36 6.31
N ARG C 159 27.98 -19.68 6.32
CA ARG C 159 28.71 -20.54 7.24
C ARG C 159 29.26 -21.79 6.54
N MET D 1 -6.28 -38.72 15.16
CA MET D 1 -5.15 -37.83 14.89
C MET D 1 -5.25 -36.56 15.74
N ILE D 2 -4.12 -36.04 16.19
CA ILE D 2 -4.09 -34.87 17.09
C ILE D 2 -3.68 -33.57 16.37
N SER D 3 -4.33 -32.47 16.74
CA SER D 3 -4.15 -31.19 16.08
C SER D 3 -3.83 -30.07 17.05
N LEU D 4 -3.05 -29.09 16.61
CA LEU D 4 -2.77 -27.89 17.39
C LEU D 4 -3.28 -26.69 16.60
N ILE D 5 -3.90 -25.74 17.29
CA ILE D 5 -4.33 -24.51 16.64
C ILE D 5 -3.88 -23.33 17.48
N ALA D 6 -3.20 -22.36 16.85
CA ALA D 6 -2.66 -21.23 17.58
C ALA D 6 -2.47 -20.01 16.69
N ALA D 7 -2.51 -18.84 17.31
CA ALA D 7 -2.21 -17.59 16.62
C ALA D 7 -0.84 -17.10 17.09
N LEU D 8 0.06 -16.89 16.13
CA LEU D 8 1.44 -16.59 16.46
C LEU D 8 1.91 -15.23 15.95
N ALA D 9 2.39 -14.39 16.86
CA ALA D 9 3.03 -13.15 16.45
C ALA D 9 4.49 -13.44 16.08
N VAL D 10 5.28 -12.41 15.82
CA VAL D 10 6.70 -12.59 15.57
C VAL D 10 7.42 -13.01 16.86
N ASP D 11 8.44 -13.87 16.71
CA ASP D 11 9.19 -14.42 17.84
C ASP D 11 8.27 -15.13 18.84
N ARG D 12 7.26 -15.79 18.30
CA ARG D 12 6.44 -16.75 19.03
C ARG D 12 5.65 -16.18 20.19
N VAL D 13 5.15 -14.96 20.05
CA VAL D 13 4.36 -14.38 21.12
C VAL D 13 2.93 -14.87 20.91
N ILE D 14 2.39 -15.54 21.92
CA ILE D 14 1.05 -16.10 21.80
C ILE D 14 0.06 -15.55 22.82
N GLY D 15 0.55 -14.94 23.89
CA GLY D 15 -0.33 -14.42 24.93
C GLY D 15 0.32 -13.55 25.99
N MET D 16 -0.48 -12.67 26.59
CA MET D 16 0.00 -11.83 27.69
C MET D 16 -1.09 -11.69 28.74
N GLU D 17 -0.82 -12.20 29.94
CA GLU D 17 -1.77 -12.14 31.06
C GLU D 17 -3.13 -12.73 30.72
N ASN D 18 -3.16 -14.00 30.34
CA ASN D 18 -4.38 -14.67 29.89
C ASN D 18 -5.25 -13.85 28.94
N ALA D 19 -4.66 -13.51 27.80
CA ALA D 19 -5.35 -12.76 26.74
C ALA D 19 -4.50 -12.80 25.49
N MET D 20 -5.00 -12.18 24.42
CA MET D 20 -4.24 -12.05 23.18
C MET D 20 -4.07 -10.57 22.86
N PRO D 21 -2.82 -10.11 22.76
CA PRO D 21 -2.51 -8.68 22.56
C PRO D 21 -2.81 -8.17 21.15
N TRP D 22 -4.02 -8.48 20.66
CA TRP D 22 -4.51 -7.99 19.38
C TRP D 22 -5.99 -8.32 19.19
N ASN D 23 -6.56 -7.86 18.08
CA ASN D 23 -7.92 -8.23 17.70
C ASN D 23 -8.00 -8.59 16.23
N LEU D 24 -8.19 -9.87 15.95
CA LEU D 24 -8.41 -10.32 14.58
C LEU D 24 -9.71 -11.10 14.48
N PRO D 25 -10.68 -10.55 13.73
CA PRO D 25 -11.94 -11.26 13.50
C PRO D 25 -11.74 -12.42 12.53
N ALA D 26 -10.86 -12.22 11.56
CA ALA D 26 -10.57 -13.25 10.57
C ALA D 26 -10.03 -14.49 11.25
N ASP D 27 -9.15 -14.28 12.23
CA ASP D 27 -8.60 -15.39 12.99
C ASP D 27 -9.67 -16.10 13.80
N LEU D 28 -10.67 -15.34 14.25
CA LEU D 28 -11.82 -15.91 14.95
C LEU D 28 -12.63 -16.82 14.03
N ALA D 29 -12.91 -16.35 12.82
CA ALA D 29 -13.66 -17.12 11.85
C ALA D 29 -12.92 -18.39 11.43
N TRP D 30 -11.62 -18.26 11.20
CA TRP D 30 -10.78 -19.37 10.79
C TRP D 30 -10.71 -20.43 11.89
N PHE D 31 -10.52 -19.95 13.12
CA PHE D 31 -10.56 -20.79 14.30
C PHE D 31 -11.85 -21.57 14.47
N LYS D 32 -12.98 -20.87 14.45
CA LYS D 32 -14.27 -21.50 14.61
C LYS D 32 -14.56 -22.48 13.49
N ARG D 33 -14.09 -22.17 12.31
CA ARG D 33 -14.28 -23.08 11.18
C ARG D 33 -13.52 -24.38 11.37
N ASN D 34 -12.27 -24.29 11.83
CA ASN D 34 -11.46 -25.49 11.94
C ASN D 34 -11.69 -26.28 13.22
N THR D 35 -12.48 -25.70 14.12
CA THR D 35 -12.81 -26.40 15.36
C THR D 35 -14.23 -26.99 15.33
N LEU D 36 -14.95 -26.79 14.22
CA LEU D 36 -16.35 -27.22 14.14
C LEU D 36 -16.51 -28.73 14.08
N ASN D 37 -17.42 -29.25 14.90
CA ASN D 37 -17.72 -30.68 14.99
C ASN D 37 -16.54 -31.49 15.50
N LYS D 38 -15.53 -30.79 16.01
CA LYS D 38 -14.36 -31.46 16.56
C LYS D 38 -14.29 -31.26 18.07
N PRO D 39 -13.72 -32.23 18.79
CA PRO D 39 -13.52 -32.04 20.23
C PRO D 39 -12.32 -31.13 20.46
N VAL D 40 -12.38 -30.32 21.51
CA VAL D 40 -11.30 -29.36 21.77
C VAL D 40 -10.66 -29.66 23.13
N VAL D 41 -9.39 -29.30 23.26
CA VAL D 41 -8.63 -29.51 24.47
C VAL D 41 -7.95 -28.22 24.87
N MET D 42 -8.15 -27.84 26.13
CA MET D 42 -7.64 -26.56 26.62
C MET D 42 -7.25 -26.66 28.09
N GLY D 43 -6.43 -25.73 28.56
CA GLY D 43 -6.05 -25.70 29.96
C GLY D 43 -7.03 -24.88 30.79
N ARG D 44 -6.77 -24.78 32.09
CA ARG D 44 -7.64 -24.05 33.02
C ARG D 44 -7.75 -22.58 32.62
N LEU D 45 -6.59 -21.96 32.46
CA LEU D 45 -6.46 -20.54 32.09
C LEU D 45 -7.12 -20.14 30.77
N THR D 46 -7.19 -21.08 29.83
CA THR D 46 -7.80 -20.83 28.54
C THR D 46 -9.27 -20.68 28.78
N TRP D 47 -9.83 -21.59 29.55
CA TRP D 47 -11.23 -21.49 29.95
C TRP D 47 -11.48 -20.18 30.70
N GLU D 48 -10.55 -19.83 31.57
CA GLU D 48 -10.67 -18.61 32.37
C GLU D 48 -10.56 -17.32 31.53
N SER D 49 -9.94 -17.41 30.36
CA SER D 49 -9.77 -16.24 29.50
C SER D 49 -11.05 -15.82 28.78
N ILE D 50 -11.95 -16.79 28.56
CA ILE D 50 -13.21 -16.52 27.86
C ILE D 50 -14.43 -16.53 28.79
N GLY D 51 -14.65 -17.65 29.48
CA GLY D 51 -15.75 -17.75 30.41
C GLY D 51 -17.05 -18.26 29.81
N ARG D 52 -17.05 -18.51 28.50
CA ARG D 52 -18.23 -19.05 27.83
C ARG D 52 -17.80 -20.16 26.89
N PRO D 53 -18.45 -21.33 26.99
CA PRO D 53 -18.06 -22.51 26.21
C PRO D 53 -18.23 -22.28 24.72
N LEU D 54 -17.56 -23.28 23.94
CA LEU D 54 -17.76 -23.29 22.50
C LEU D 54 -19.02 -24.09 22.19
N PRO D 55 -19.94 -23.41 21.43
CA PRO D 55 -21.23 -24.04 21.10
C PRO D 55 -21.16 -25.43 20.46
N GLY D 56 -21.98 -26.35 20.96
CA GLY D 56 -22.14 -27.67 20.38
C GLY D 56 -20.95 -28.60 20.43
N ARG D 57 -20.09 -28.33 21.39
CA ARG D 57 -18.88 -29.12 21.52
C ARG D 57 -18.67 -29.81 22.85
N LYS D 58 -17.98 -30.95 22.88
CA LYS D 58 -17.59 -31.53 24.13
C LYS D 58 -16.38 -30.73 24.57
N ASN D 59 -16.44 -29.96 25.60
CA ASN D 59 -15.44 -29.05 26.13
C ASN D 59 -14.65 -29.72 27.24
N ILE D 60 -13.47 -29.71 27.25
CA ILE D 60 -12.70 -30.31 28.32
C ILE D 60 -11.76 -29.25 28.89
N VAL D 61 -11.45 -29.36 30.17
CA VAL D 61 -10.49 -28.47 30.80
C VAL D 61 -9.54 -29.32 31.66
N ILE D 62 -8.24 -29.09 31.58
CA ILE D 62 -7.28 -29.93 32.29
C ILE D 62 -6.78 -29.29 33.59
N SER D 63 -6.87 -30.05 34.69
CA SER D 63 -6.43 -29.56 35.99
C SER D 63 -6.26 -30.68 37.01
N SER D 64 -5.98 -30.29 38.24
CA SER D 64 -5.82 -31.23 39.34
C SER D 64 -6.83 -30.90 40.43
N LYS D 65 -7.79 -30.05 40.11
CA LYS D 65 -8.80 -29.68 41.08
C LYS D 65 -10.18 -30.17 40.65
N PRO D 66 -11.14 -30.10 41.55
CA PRO D 66 -12.54 -30.31 41.16
C PRO D 66 -13.02 -29.17 40.27
N GLY D 67 -14.07 -29.41 39.50
CA GLY D 67 -14.60 -28.41 38.59
C GLY D 67 -15.11 -27.16 39.26
N SER D 68 -14.53 -26.02 38.88
CA SER D 68 -14.95 -24.72 39.39
C SER D 68 -16.14 -24.25 38.59
N ASP D 69 -16.52 -25.08 37.64
CA ASP D 69 -17.53 -24.74 36.65
C ASP D 69 -18.29 -25.98 36.23
N ASP D 70 -19.59 -25.82 36.01
CA ASP D 70 -20.49 -26.93 35.74
C ASP D 70 -20.82 -27.19 34.26
N ARG D 71 -20.50 -26.25 33.38
CA ARG D 71 -20.84 -26.37 31.96
C ARG D 71 -19.77 -27.06 31.14
N VAL D 72 -18.68 -27.47 31.81
CA VAL D 72 -17.56 -28.08 31.12
C VAL D 72 -17.07 -29.29 31.90
N GLN D 73 -16.55 -30.29 31.19
CA GLN D 73 -16.02 -31.47 31.83
C GLN D 73 -14.53 -31.30 32.16
N TRP D 74 -14.20 -31.63 33.40
CA TRP D 74 -12.86 -31.45 33.94
C TRP D 74 -12.08 -32.77 33.93
N VAL D 75 -10.77 -32.66 33.69
CA VAL D 75 -9.91 -33.83 33.50
C VAL D 75 -8.66 -33.67 34.37
N SER D 76 -7.93 -34.75 34.63
CA SER D 76 -6.78 -34.68 35.53
C SER D 76 -5.45 -35.04 34.86
N SER D 77 -5.46 -35.24 33.55
CA SER D 77 -4.24 -35.58 32.84
C SER D 77 -4.33 -35.44 31.33
N VAL D 78 -3.24 -35.81 30.66
CA VAL D 78 -3.12 -35.69 29.21
C VAL D 78 -3.76 -36.92 28.58
N GLU D 79 -3.28 -38.09 29.00
CA GLU D 79 -3.78 -39.36 28.50
C GLU D 79 -5.23 -39.56 28.92
N GLU D 80 -5.60 -38.92 30.03
CA GLU D 80 -6.98 -38.95 30.50
C GLU D 80 -7.84 -37.95 29.73
N ALA D 81 -7.21 -36.97 29.10
CA ALA D 81 -7.96 -36.02 28.28
C ALA D 81 -8.25 -36.58 26.89
N ILE D 82 -7.29 -37.31 26.34
CA ILE D 82 -7.48 -37.98 25.06
C ILE D 82 -8.48 -39.13 25.17
N ALA D 83 -8.39 -39.89 26.27
CA ALA D 83 -9.31 -41.01 26.49
C ALA D 83 -10.74 -40.51 26.63
N ALA D 84 -10.89 -39.20 26.83
CA ALA D 84 -12.20 -38.59 26.93
C ALA D 84 -12.70 -38.22 25.53
N CYS D 85 -11.85 -38.39 24.53
CA CYS D 85 -12.25 -38.12 23.15
C CYS D 85 -12.74 -39.36 22.42
N GLY D 86 -12.01 -40.46 22.53
CA GLY D 86 -12.40 -41.69 21.88
C GLY D 86 -11.86 -41.83 20.48
N ASP D 87 -12.63 -42.50 19.62
CA ASP D 87 -12.23 -42.68 18.22
C ASP D 87 -12.84 -41.60 17.34
N VAL D 88 -12.25 -40.41 17.37
CA VAL D 88 -12.73 -39.30 16.55
C VAL D 88 -11.66 -39.17 15.48
N GLU D 89 -12.03 -38.67 14.32
CA GLU D 89 -11.07 -38.53 13.25
C GLU D 89 -10.19 -37.31 13.47
N GLU D 90 -10.70 -36.31 14.19
CA GLU D 90 -9.89 -35.13 14.43
C GLU D 90 -10.14 -34.46 15.79
N ILE D 91 -9.07 -34.19 16.52
CA ILE D 91 -9.13 -33.51 17.81
C ILE D 91 -8.28 -32.23 17.80
N MET D 92 -8.83 -31.13 18.31
CA MET D 92 -8.16 -29.83 18.29
C MET D 92 -7.66 -29.44 19.67
N VAL D 93 -6.42 -28.96 19.76
CA VAL D 93 -5.88 -28.42 20.99
C VAL D 93 -5.75 -26.90 20.83
N ILE D 94 -6.41 -26.15 21.70
CA ILE D 94 -6.53 -24.71 21.50
C ILE D 94 -5.75 -23.85 22.49
N GLY D 95 -5.11 -24.47 23.48
CA GLY D 95 -4.25 -23.74 24.41
C GLY D 95 -4.23 -24.31 25.82
N GLY D 96 -3.40 -23.75 26.69
CA GLY D 96 -2.48 -22.69 26.33
C GLY D 96 -1.05 -23.19 26.13
N GLY D 97 -0.07 -22.45 26.66
CA GLY D 97 1.33 -22.75 26.44
C GLY D 97 1.87 -24.11 26.86
N ARG D 98 1.61 -24.48 28.12
CA ARG D 98 2.12 -25.72 28.66
C ARG D 98 1.41 -26.92 28.06
N VAL D 99 0.12 -26.75 27.81
CA VAL D 99 -0.69 -27.75 27.13
C VAL D 99 -0.15 -27.96 25.71
N TYR D 100 0.14 -26.86 25.02
CA TYR D 100 0.79 -26.92 23.71
C TYR D 100 2.09 -27.70 23.77
N GLU D 101 2.90 -27.42 24.79
CA GLU D 101 4.20 -28.08 24.93
C GLU D 101 4.03 -29.57 25.08
N GLN D 102 3.09 -29.98 25.92
CA GLN D 102 2.89 -31.40 26.16
C GLN D 102 2.29 -32.11 24.94
N PHE D 103 1.45 -31.40 24.19
CA PHE D 103 0.73 -32.04 23.07
C PHE D 103 1.42 -31.98 21.72
N LEU D 104 2.42 -31.12 21.58
CA LEU D 104 3.15 -31.00 20.31
C LEU D 104 3.87 -32.29 19.90
N PRO D 105 4.46 -33.05 20.85
CA PRO D 105 5.13 -34.27 20.39
C PRO D 105 4.22 -35.28 19.69
N LYS D 106 2.95 -35.34 20.09
CA LYS D 106 2.01 -36.27 19.44
C LYS D 106 1.45 -35.71 18.14
N ALA D 107 1.33 -34.39 18.06
CA ALA D 107 0.62 -33.73 16.97
C ALA D 107 1.10 -34.13 15.60
N GLN D 108 0.16 -34.30 14.68
CA GLN D 108 0.51 -34.64 13.32
C GLN D 108 0.15 -33.52 12.36
N LYS D 109 -0.50 -32.47 12.86
CA LYS D 109 -0.87 -31.33 12.02
C LYS D 109 -1.03 -30.04 12.83
N LEU D 110 -0.71 -28.93 12.18
CA LEU D 110 -0.71 -27.61 12.80
C LEU D 110 -1.56 -26.59 12.04
N TYR D 111 -2.52 -25.97 12.73
CA TYR D 111 -3.19 -24.80 12.18
C TYR D 111 -2.60 -23.54 12.80
N LEU D 112 -1.78 -22.83 12.03
CA LEU D 112 -1.06 -21.68 12.55
C LEU D 112 -1.41 -20.43 11.78
N THR D 113 -1.67 -19.35 12.51
CA THR D 113 -1.88 -18.05 11.89
C THR D 113 -0.71 -17.16 12.23
N HIS D 114 0.05 -16.76 11.22
CA HIS D 114 1.20 -15.89 11.45
C HIS D 114 0.79 -14.44 11.31
N ILE D 115 0.69 -13.75 12.44
CA ILE D 115 0.33 -12.35 12.49
C ILE D 115 1.58 -11.49 12.46
N ASP D 116 1.64 -10.55 11.52
CA ASP D 116 2.79 -9.67 11.41
C ASP D 116 2.63 -8.49 12.34
N ALA D 117 3.02 -8.72 13.60
CA ALA D 117 3.00 -7.69 14.62
C ALA D 117 3.98 -8.04 15.73
N GLU D 118 4.68 -7.03 16.24
CA GLU D 118 5.60 -7.25 17.34
C GLU D 118 4.91 -6.69 18.57
N VAL D 119 4.73 -7.55 19.57
CA VAL D 119 3.97 -7.19 20.76
C VAL D 119 4.54 -7.79 22.04
N GLU D 120 3.89 -7.44 23.15
CA GLU D 120 4.34 -7.80 24.48
C GLU D 120 3.61 -9.03 24.98
N GLY D 121 4.33 -10.00 25.54
CA GLY D 121 3.70 -11.21 26.01
C GLY D 121 4.47 -12.01 27.04
N ASP D 122 3.74 -12.75 27.86
CA ASP D 122 4.33 -13.58 28.91
C ASP D 122 4.32 -15.08 28.60
N THR D 123 3.58 -15.50 27.56
CA THR D 123 3.48 -16.91 27.21
C THR D 123 3.91 -17.18 25.78
N HIS D 124 4.63 -18.28 25.55
CA HIS D 124 5.13 -18.56 24.20
C HIS D 124 4.71 -19.93 23.68
N PHE D 125 4.72 -20.05 22.36
CA PHE D 125 4.42 -21.31 21.66
C PHE D 125 5.68 -22.14 21.41
N PRO D 126 5.61 -23.45 21.64
CA PRO D 126 6.75 -24.36 21.47
C PRO D 126 7.40 -24.32 20.08
N ASP D 127 8.74 -24.36 20.07
CA ASP D 127 9.51 -24.34 18.84
C ASP D 127 9.55 -25.71 18.14
N TYR D 128 9.17 -25.74 16.87
CA TYR D 128 9.19 -26.99 16.11
C TYR D 128 10.22 -27.01 14.97
N ASP D 129 10.64 -28.21 14.60
CA ASP D 129 11.59 -28.45 13.52
C ASP D 129 10.81 -28.54 12.20
N PRO D 130 10.97 -27.53 11.34
CA PRO D 130 10.28 -27.38 10.05
C PRO D 130 10.56 -28.49 9.03
N ASP D 131 11.62 -29.27 9.23
CA ASP D 131 11.91 -30.41 8.35
C ASP D 131 10.97 -31.59 8.62
N GLU D 132 10.37 -31.62 9.80
CA GLU D 132 9.51 -32.72 10.18
C GLU D 132 8.12 -32.49 9.60
N TRP D 133 7.91 -31.30 9.06
CA TRP D 133 6.60 -30.90 8.57
C TRP D 133 6.58 -30.47 7.10
N GLU D 134 5.39 -30.54 6.52
CA GLU D 134 5.14 -30.01 5.19
C GLU D 134 3.97 -29.06 5.21
N SER D 135 4.07 -28.03 4.37
CA SER D 135 3.05 -27.01 4.23
C SER D 135 2.09 -27.50 3.17
N VAL D 136 0.86 -27.79 3.59
CA VAL D 136 -0.13 -28.29 2.65
C VAL D 136 -1.02 -27.15 2.17
N PHE D 137 -1.04 -26.06 2.92
CA PHE D 137 -1.87 -24.93 2.57
C PHE D 137 -1.25 -23.61 3.06
N SER D 138 -1.23 -22.62 2.18
CA SER D 138 -0.70 -21.31 2.52
C SER D 138 -1.59 -20.23 1.91
N GLU D 139 -2.14 -19.38 2.77
CA GLU D 139 -3.00 -18.29 2.31
C GLU D 139 -2.63 -16.97 2.97
N PHE D 140 -2.22 -16.00 2.16
CA PHE D 140 -1.81 -14.69 2.68
C PHE D 140 -2.90 -13.64 2.47
N HIS D 141 -3.06 -12.75 3.44
CA HIS D 141 -4.07 -11.69 3.36
C HIS D 141 -3.50 -10.36 3.83
N ASP D 142 -3.69 -9.29 3.04
CA ASP D 142 -3.24 -7.96 3.45
C ASP D 142 -4.09 -7.44 4.61
N ALA D 143 -3.62 -6.37 5.26
CA ALA D 143 -4.37 -5.76 6.35
C ALA D 143 -5.49 -4.89 5.80
N ASP D 144 -6.52 -4.66 6.60
CA ASP D 144 -7.62 -3.80 6.20
C ASP D 144 -8.25 -3.12 7.41
N ALA D 145 -9.48 -2.63 7.25
CA ALA D 145 -10.16 -1.89 8.30
C ALA D 145 -10.28 -2.70 9.59
N GLN D 146 -10.77 -3.93 9.48
CA GLN D 146 -11.05 -4.76 10.64
C GLN D 146 -9.84 -5.50 11.20
N ASN D 147 -8.86 -5.78 10.34
CA ASN D 147 -7.68 -6.49 10.79
C ASN D 147 -6.50 -5.54 10.91
N SER D 148 -6.09 -5.31 12.15
CA SER D 148 -5.04 -4.34 12.47
C SER D 148 -3.71 -4.66 11.80
N HIS D 149 -3.32 -5.94 11.85
CA HIS D 149 -2.05 -6.37 11.29
C HIS D 149 -2.22 -7.36 10.14
N SER D 150 -1.19 -7.49 9.31
CA SER D 150 -1.21 -8.47 8.23
C SER D 150 -1.12 -9.87 8.83
N TYR D 151 -1.42 -10.89 8.02
CA TYR D 151 -1.50 -12.24 8.54
C TYR D 151 -1.42 -13.31 7.44
N CYS D 152 -1.07 -14.52 7.85
CA CYS D 152 -0.97 -15.65 6.92
C CYS D 152 -1.52 -16.93 7.54
N PHE D 153 -2.48 -17.58 6.87
CA PHE D 153 -3.01 -18.86 7.35
C PHE D 153 -2.13 -19.98 6.85
N GLU D 154 -1.83 -20.93 7.73
CA GLU D 154 -0.88 -21.97 7.40
C GLU D 154 -1.30 -23.31 7.99
N ILE D 155 -1.24 -24.36 7.18
CA ILE D 155 -1.51 -25.71 7.66
C ILE D 155 -0.33 -26.65 7.41
N LEU D 156 0.17 -27.27 8.48
CA LEU D 156 1.32 -28.16 8.36
C LEU D 156 0.94 -29.57 8.77
N GLU D 157 1.66 -30.56 8.24
CA GLU D 157 1.46 -31.94 8.68
C GLU D 157 2.81 -32.60 8.90
N ARG D 158 2.88 -33.50 9.89
CA ARG D 158 4.11 -34.15 10.27
C ARG D 158 4.63 -35.10 9.19
N ARG D 159 5.95 -35.29 9.13
CA ARG D 159 6.59 -36.22 8.20
C ARG D 159 7.70 -37.03 8.87
PA NAP E . 6.11 26.74 -27.87
O1A NAP E . 5.08 27.63 -27.26
O2A NAP E . 5.89 25.31 -27.56
O5B NAP E . 6.11 26.89 -29.46
C5B NAP E . 6.00 28.14 -30.06
C4B NAP E . 6.06 27.90 -31.57
O4B NAP E . 4.74 27.74 -32.05
C3B NAP E . 6.69 29.09 -32.27
O3B NAP E . 7.83 28.65 -32.97
C2B NAP E . 5.63 29.60 -33.22
O2B NAP E . 6.13 29.55 -34.53
C1B NAP E . 4.44 28.66 -33.07
N9A NAP E . 3.29 29.49 -32.65
C8A NAP E . 2.84 29.66 -31.37
N7A NAP E . 1.78 30.49 -31.39
C5A NAP E . 1.54 30.87 -32.67
C6A NAP E . 0.58 31.69 -33.24
N6A NAP E . -0.32 32.29 -32.48
N1A NAP E . 0.58 31.89 -34.61
C2A NAP E . 1.52 31.26 -35.39
N3A NAP E . 2.47 30.44 -34.81
C4A NAP E . 2.49 30.24 -33.47
O3 NAP E . 7.60 27.22 -27.51
PN NAP E . 8.44 27.45 -26.15
O1N NAP E . 9.85 27.41 -26.56
O2N NAP E . 7.90 28.62 -25.43
O5D NAP E . 8.16 26.14 -25.26
C5D NAP E . 8.77 24.92 -25.63
C4D NAP E . 9.83 24.51 -24.61
O4D NAP E . 9.24 24.06 -23.41
C3D NAP E . 10.65 23.35 -25.15
O3D NAP E . 12.01 23.54 -24.81
C2D NAP E . 10.11 22.14 -24.43
O2D NAP E . 11.13 21.21 -24.17
C1D NAP E . 9.56 22.71 -23.13
N1N NAP E . 8.37 21.96 -22.67
C2N NAP E . 8.26 21.58 -21.36
C3N NAP E . 7.15 20.89 -20.89
C7N NAP E . 6.86 20.82 -19.42
O7N NAP E . 5.52 20.81 -18.98
N7N NAP E . 7.86 20.77 -18.55
C4N NAP E . 6.13 20.58 -21.78
C5N NAP E . 6.25 20.98 -23.12
C6N NAP E . 7.37 21.67 -23.55
P2B NAP E . 5.61 30.58 -35.66
O1X NAP E . 4.66 31.60 -35.10
O2X NAP E . 6.81 31.26 -36.28
O3X NAP E . 4.93 29.72 -36.69
N1 06U F . 2.87 17.75 -18.39
C2 06U F . 3.49 16.84 -17.61
N3 06U F . 4.44 16.04 -18.09
C4 06U F . 4.82 16.12 -19.38
C5 06U F . 4.21 17.04 -20.22
C6 06U F . 3.22 17.86 -19.69
CAA 06U F . 5.65 12.29 -24.11
NAH 06U F . 3.13 16.75 -16.33
CAI 06U F . 5.83 15.30 -19.88
NAJ 06U F . 2.65 18.73 -20.51
CAK 06U F . 4.59 17.15 -21.60
CAL 06U F . 4.89 17.25 -22.74
CAM 06U F . 5.24 17.45 -24.17
CAN 06U F . 4.47 18.66 -24.66
CAO 06U F . 4.97 16.37 -25.02
CAP 06U F . 4.52 16.69 -26.30
CAQ 06U F . 4.26 15.71 -27.24
CAR 06U F . 4.44 14.37 -26.89
CAS 06U F . 4.88 14.03 -25.61
CAT 06U F . 5.17 15.03 -24.68
CAU 06U F . 5.07 12.68 -25.31
CAV 06U F . 4.74 11.70 -26.25
CAW 06U F . 4.94 10.36 -25.98
NAX 06U F . 5.50 9.96 -24.76
CAY 06U F . 5.86 10.94 -23.82
CAZ 06U F . 6.76 14.85 -18.75
OBA 06U F . 3.82 16.10 -28.48
CBB 06U F . 3.58 15.05 -29.41
C1 EOH G . -14.59 20.50 -36.26
C2 EOH G . -15.64 19.42 -36.19
O EOH G . -14.77 21.26 -37.44
PA NAP H . -25.70 5.58 11.72
O1A NAP H . -27.05 6.09 11.48
O2A NAP H . -24.68 6.30 10.95
O5B NAP H . -25.35 5.70 13.30
C5B NAP H . -26.23 6.29 14.24
C4B NAP H . -25.60 6.34 15.64
O4B NAP H . -24.93 7.58 15.82
C3B NAP H . -26.66 6.24 16.73
O3B NAP H . -26.41 5.10 17.52
C2B NAP H . -26.54 7.49 17.58
O2B NAP H . -26.33 7.16 18.92
C1B NAP H . -25.33 8.24 17.02
N9A NAP H . -25.77 9.60 16.68
C8A NAP H . -25.89 10.11 15.41
N7A NAP H . -26.31 11.39 15.50
C5A NAP H . -26.46 11.72 16.80
C6A NAP H . -26.87 12.89 17.43
N6A NAP H . -27.20 13.96 16.71
N1A NAP H . -26.93 12.93 18.81
C2A NAP H . -26.59 11.82 19.55
N3A NAP H . -26.19 10.65 18.91
C4A NAP H . -26.12 10.60 17.56
O3 NAP H . -25.79 4.01 11.36
PN NAP H . -26.17 3.13 10.06
O1N NAP H . -26.33 1.73 10.52
O2N NAP H . -27.26 3.80 9.33
O5D NAP H . -24.80 3.21 9.21
C5D NAP H . -23.71 2.39 9.58
C4D NAP H . -23.26 1.47 8.44
O4D NAP H . -22.49 2.20 7.50
C3D NAP H . -22.38 0.37 8.99
O3D NAP H . -22.78 -0.87 8.46
C2D NAP H . -20.99 0.72 8.50
O2D NAP H . -20.26 -0.45 8.16
C1D NAP H . -21.25 1.54 7.25
N1N NAP H . -20.13 2.46 6.96
C2N NAP H . -19.59 2.48 5.71
C3N NAP H . -18.54 3.31 5.36
C7N NAP H . -18.18 3.49 3.92
O7N NAP H . -17.15 4.38 3.55
N7N NAP H . -18.85 2.80 3.00
C4N NAP H . -18.02 4.16 6.33
C5N NAP H . -18.57 4.15 7.61
C6N NAP H . -19.62 3.29 7.92
P2B NAP H . -27.29 7.80 20.06
O1X NAP H . -27.90 9.09 19.58
O2X NAP H . -28.39 6.81 20.38
O3X NAP H . -26.49 8.04 21.32
N1 06U I . -14.29 6.05 3.48
C2 06U I . -13.42 5.36 2.71
N3 06U I . -12.80 4.27 3.19
C4 06U I . -13.03 3.82 4.43
C5 06U I . -13.92 4.51 5.23
C6 06U I . -14.55 5.63 4.72
CAA 06U I . -9.67 2.03 8.71
NAH 06U I . -13.17 5.79 1.48
CAI 06U I . -12.39 2.69 4.94
NAJ 06U I . -15.41 6.26 5.53
CAK 06U I . -14.19 4.06 6.56
CAL 06U I . -14.40 3.68 7.64
CAM 06U I . -14.66 3.19 9.00
CAN 06U I . -15.82 3.98 9.59
CAO 06U I . -13.55 3.28 9.84
CAP 06U I . -13.72 3.85 11.09
CAQ 06U I . -12.66 3.97 11.96
CAR 06U I . -11.41 3.50 11.59
CAS 06U I . -11.22 2.92 10.34
CAT 06U I . -12.29 2.82 9.45
CAU 06U I . -9.94 2.48 9.99
CAV 06U I . -8.92 2.58 10.93
CAW 06U I . -7.63 2.17 10.61
NAX 06U I . -7.36 1.70 9.32
CAY 06U I . -8.38 1.62 8.38
CAZ 06U I . -11.54 2.01 3.86
OBA 06U I . -12.87 4.54 13.17
CBB 06U I . -11.68 4.59 13.95
AS CAC J . -30.38 22.25 1.28
O1 CAC J . -31.70 23.25 1.29
O2 CAC J . -28.96 23.15 1.80
C1 CAC J . -30.70 20.78 2.48
C2 CAC J . -30.08 21.59 -0.51
CL CL K . -5.40 10.91 22.27
PA NAP L . 19.53 -8.76 -14.19
O1A NAP L . 20.17 -9.81 -13.35
O2A NAP L . 19.38 -7.51 -13.42
O5B NAP L . 20.35 -8.53 -15.55
C5B NAP L . 20.71 -9.63 -16.40
C4B NAP L . 21.36 -9.13 -17.69
O4B NAP L . 22.71 -8.84 -17.45
C3B NAP L . 21.31 -10.12 -18.84
O3B NAP L . 20.33 -9.75 -19.79
C2B NAP L . 22.71 -10.21 -19.43
O2B NAP L . 22.84 -9.61 -20.74
C1B NAP L . 23.54 -9.44 -18.41
N9A NAP L . 24.29 -10.48 -17.70
C8A NAP L . 23.94 -11.10 -16.52
N7A NAP L . 24.89 -12.02 -16.25
C5A NAP L . 25.83 -12.01 -17.22
C6A NAP L . 26.99 -12.73 -17.45
N6A NAP L . 27.37 -13.66 -16.58
N1A NAP L . 27.75 -12.46 -18.57
C2A NAP L . 27.35 -11.49 -19.47
N3A NAP L . 26.19 -10.77 -19.24
C4A NAP L . 25.46 -11.05 -18.14
O3 NAP L . 18.11 -9.28 -14.76
PN NAP L . 16.84 -10.02 -14.13
O1N NAP L . 15.75 -9.95 -15.13
O2N NAP L . 17.27 -11.33 -13.61
O5D NAP L . 16.47 -9.06 -12.89
C5D NAP L . 15.93 -7.77 -13.12
C4D NAP L . 14.66 -7.58 -12.30
O4D NAP L . 14.95 -7.66 -10.91
C3D NAP L . 14.07 -6.20 -12.55
O3D NAP L . 12.69 -6.36 -12.74
C2D NAP L . 14.29 -5.45 -11.26
O2D NAP L . 13.18 -4.64 -10.97
C1D NAP L . 14.41 -6.55 -10.23
N1N NAP L . 15.29 -6.12 -9.11
C2N NAP L . 14.85 -6.24 -7.82
C3N NAP L . 15.66 -5.85 -6.75
C7N NAP L . 15.14 -5.90 -5.34
O7N NAP L . 16.06 -5.98 -4.28
N7N NAP L . 13.83 -5.85 -5.11
C4N NAP L . 16.91 -5.32 -7.00
C5N NAP L . 17.35 -5.20 -8.32
C6N NAP L . 16.53 -5.60 -9.36
P2B NAP L . 23.19 -10.40 -22.14
O1X NAP L . 23.87 -11.70 -21.98
O2X NAP L . 21.88 -10.85 -22.78
O3X NAP L . 23.89 -9.38 -22.95
N1 06U M . 18.48 -4.00 -2.27
C2 06U M . 17.54 -3.38 -1.56
N3 06U M . 16.80 -2.40 -2.08
C4 06U M . 16.99 -2.00 -3.34
C5 06U M . 17.96 -2.62 -4.11
C6 06U M . 18.70 -3.63 -3.53
CAA 06U M . 16.96 4.44 -6.78
NAH 06U M . 17.33 -3.75 -0.29
CAI 06U M . 16.23 -0.98 -3.92
NAJ 06U M . 19.63 -4.20 -4.29
CAK 06U M . 18.16 -2.20 -5.43
CAL 06U M . 18.28 -1.87 -6.42
CAM 06U M . 18.40 -1.37 -7.76
CAN 06U M . 19.88 -1.13 -8.11
CAO 06U M . 17.70 -0.18 -7.87
CAP 06U M . 16.72 -0.09 -8.84
CAQ 06U M . 15.99 1.08 -9.00
CAR 06U M . 16.26 2.16 -8.16
CAS 06U M . 17.28 2.11 -7.21
CAT 06U M . 17.97 0.92 -7.04
CAU 06U M . 17.50 3.22 -6.40
CAV 06U M . 18.35 3.20 -5.30
CAW 06U M . 18.55 4.34 -4.53
NAX 06U M . 17.97 5.56 -4.91
CAY 06U M . 17.15 5.61 -6.04
CAZ 06U M . 14.90 -0.80 -3.20
OBA 06U M . 15.04 1.11 -9.98
CBB 06U M . 14.33 2.34 -10.09
C1 PEG N . 27.98 -27.84 0.98
O1 PEG N . 27.50 -29.17 1.02
C2 PEG N . 27.57 -27.17 -0.36
O2 PEG N . 28.41 -26.02 -0.59
C3 PEG N . 28.20 -24.91 0.25
C4 PEG N . 28.93 -23.72 -0.31
O4 PEG N . 29.59 -23.03 0.72
CL CL O . 32.57 5.77 -15.40
CA CA P . 14.94 -24.07 1.66
CL CL Q . 11.19 -23.75 2.45
PA NAP R . 0.06 -22.87 30.77
O1A NAP R . 1.47 -22.97 31.19
O2A NAP R . -0.22 -23.47 29.43
O5B NAP R . -0.92 -23.54 31.87
C5B NAP R . -0.74 -24.71 32.62
C4B NAP R . -2.06 -24.94 33.35
O4B NAP R . -2.83 -25.95 32.71
C3B NAP R . -1.85 -25.35 34.79
O3B NAP R . -2.33 -24.33 35.63
C2B NAP R . -2.66 -26.62 34.98
O2B NAP R . -3.73 -26.39 35.86
C1B NAP R . -3.20 -26.98 33.61
N9A NAP R . -2.51 -28.19 33.15
C8A NAP R . -1.73 -28.26 32.02
N7A NAP R . -1.24 -29.51 31.90
C5A NAP R . -1.70 -30.25 32.93
C6A NAP R . -1.50 -31.59 33.29
N6A NAP R . -0.74 -32.37 32.51
N1A NAP R . -2.10 -32.09 34.42
C2A NAP R . -2.88 -31.27 35.20
N3A NAP R . -3.08 -29.95 34.85
C4A NAP R . -2.50 -29.43 33.73
O3 NAP R . -0.32 -21.31 30.82
PN NAP R . 0.14 -20.02 29.98
O1N NAP R . -0.06 -18.83 30.83
O2N NAP R . 1.48 -20.31 29.41
O5D NAP R . -0.91 -19.95 28.76
C5D NAP R . -1.98 -19.01 28.78
C4D NAP R . -1.85 -17.98 27.67
O4D NAP R . -1.93 -18.56 26.38
C3D NAP R . -2.98 -16.96 27.74
O3D NAP R . -2.43 -15.68 27.73
C2D NAP R . -3.79 -17.17 26.48
O2D NAP R . -4.26 -15.93 25.99
C1D NAP R . -2.74 -17.74 25.56
N1N NAP R . -3.35 -18.47 24.44
C2N NAP R . -3.04 -18.11 23.16
C3N NAP R . -3.58 -18.77 22.07
C7N NAP R . -3.49 -18.17 20.71
O7N NAP R . -3.74 -18.96 19.58
N7N NAP R . -3.15 -16.87 20.59
C4N NAP R . -4.47 -19.81 22.29
C5N NAP R . -4.79 -20.18 23.59
C6N NAP R . -4.22 -19.50 24.67
P2B NAP R . -3.52 -26.57 37.45
O1X NAP R . -2.25 -27.37 37.69
O2X NAP R . -3.40 -25.20 38.05
O3X NAP R . -4.73 -27.24 38.05
N1 06U S . -6.03 -20.63 18.10
C2 06U S . -6.35 -19.71 17.18
N3 06U S . -7.23 -18.73 17.46
C4 06U S . -7.81 -18.64 18.67
C5 06U S . -7.50 -19.58 19.64
C6 06U S . -6.59 -20.58 19.32
CAA 06U S . -13.02 -17.03 20.87
NAH 06U S . -5.80 -19.77 15.98
CAI 06U S . -8.70 -17.62 18.95
NAJ 06U S . -6.31 -21.47 20.28
CAK 06U S . -8.09 -19.52 20.91
CAL 06U S . -8.54 -19.46 21.87
CAM 06U S . -9.13 -19.40 23.19
CAN 06U S . -8.48 -20.48 24.07
CAO 06U S . -10.53 -19.57 23.14
CAP 06U S . -11.11 -20.58 23.90
CAQ 06U S . -12.49 -20.77 23.87
CAR 06U S . -13.29 -19.95 23.10
CAS 06U S . -12.71 -18.93 22.34
CAT 06U S . -11.33 -18.74 22.37
CAU 06U S . -13.54 -18.11 21.58
CAV 06U S . -14.91 -18.33 21.55
CAW 06U S . -15.76 -17.53 20.81
NAX 06U S . -15.23 -16.44 20.09
CAY 06U S . -13.86 -16.19 20.13
CAZ 06U S . -9.50 -17.25 17.70
OBA 06U S . -13.02 -21.78 24.63
CBB 06U S . -14.44 -21.87 24.53
CL CL T . 10.18 -36.71 16.86
CA CA U . 13.48 -38.54 16.09
AS CAC V . 8.08 -17.26 9.02
O1 CAC V . 6.47 -17.64 9.06
O2 CAC V . 8.70 -17.47 7.40
C1 CAC V . 8.33 -15.42 9.57
C2 CAC V . 9.04 -18.41 10.23
#